data_1OIF
#
_entry.id   1OIF
#
_cell.length_a   94.647
_cell.length_b   95.194
_cell.length_c   114.156
_cell.angle_alpha   90.00
_cell.angle_beta   90.00
_cell.angle_gamma   90.00
#
_symmetry.space_group_name_H-M   'P 21 21 21'
#
loop_
_entity.id
_entity.type
_entity.pdbx_description
1 polymer BETA-GLUCOSIDASE
2 non-polymer 5-HYDROXYMETHYL-3,4-DIHYDROXYPIPERIDINE
3 water water
#
_entity_poly.entity_id   1
_entity_poly.type   'polypeptide(L)'
_entity_poly.pdbx_seq_one_letter_code
;MGSSHHHHHHSSGLVPRGSHMASNVKKFPEGFLWGVATASYQIEGSPLADGAGMSIWHTFSHTPGNVKNGDTGDVACDHY
NRWKEDIEIIEKLGVKAYRFSISWPRILPEGTGRVNQKGLDFYNRIIDTLLEKGITPFVTIYHWDLPFALQLKGGWANRE
IADWFAEYSRVLFENFGDRVKNWITLNEPWVVAIVGHLYGVHAPGMRDIYVAFRAVHNLLRAHARAVKVFRETVKDGKIG
IVFNNGYFEPASEKEEDIRAVRFMHQFNNYPLFLNPIYRGDYPELVLEFAREYLPENYKDDMSEIQEKIDFVGLNYYSGH
LVKFDPDAPAKVSFVERDLPKTAMGWEIVPEGIYWILKKVKEEYNPPEVYITENGAAFDDVVSEDGRVHDQNRIDYLKAH
IGQAWKAIQEGVPLKGYFVWSLLDNFEWAEGYSKRFGIVYVDYSTQKRIVKDSGYWYSNVVKNNGLED
;
_entity_poly.pdbx_strand_id   A,B
#
loop_
_chem_comp.id
_chem_comp.type
_chem_comp.name
_chem_comp.formula
IFM non-polymer 5-HYDROXYMETHYL-3,4-DIHYDROXYPIPERIDINE 'C6 H13 N O3'
#
# COMPACT_ATOMS: atom_id res chain seq x y z
N VAL A 25 -38.96 -12.87 0.26
CA VAL A 25 -39.46 -11.54 -0.19
C VAL A 25 -39.24 -10.44 0.86
N LYS A 26 -38.67 -9.32 0.43
CA LYS A 26 -38.60 -8.10 1.26
C LYS A 26 -39.13 -6.90 0.46
N LYS A 27 -40.42 -6.66 0.61
CA LYS A 27 -41.10 -5.61 -0.13
C LYS A 27 -41.09 -4.30 0.68
N PHE A 28 -40.81 -3.19 0.00
CA PHE A 28 -40.71 -1.87 0.63
C PHE A 28 -42.06 -1.12 0.59
N PRO A 29 -42.24 -0.08 1.42
CA PRO A 29 -43.51 0.65 1.50
C PRO A 29 -43.88 1.27 0.17
N GLU A 30 -45.17 1.47 -0.06
CA GLU A 30 -45.64 2.08 -1.30
C GLU A 30 -45.01 3.48 -1.46
N GLY A 31 -44.53 3.80 -2.65
CA GLY A 31 -43.90 5.09 -2.91
C GLY A 31 -42.48 5.31 -2.38
N PHE A 32 -41.85 4.25 -1.85
CA PHE A 32 -40.44 4.30 -1.50
C PHE A 32 -39.58 4.79 -2.69
N LEU A 33 -38.66 5.70 -2.39
CA LEU A 33 -37.86 6.33 -3.42
C LEU A 33 -36.54 5.59 -3.61
N TRP A 34 -36.42 4.89 -4.74
CA TRP A 34 -35.16 4.27 -5.17
C TRP A 34 -34.42 5.22 -6.06
N GLY A 35 -33.22 5.56 -5.63
CA GLY A 35 -32.42 6.57 -6.31
C GLY A 35 -31.03 6.13 -6.68
N VAL A 36 -30.37 6.97 -7.46
CA VAL A 36 -28.92 6.92 -7.63
C VAL A 36 -28.41 8.33 -7.35
N ALA A 37 -27.12 8.43 -7.04
CA ALA A 37 -26.48 9.66 -6.56
C ALA A 37 -25.15 9.98 -7.26
N THR A 38 -24.93 11.26 -7.55
CA THR A 38 -23.64 11.76 -8.02
C THR A 38 -23.31 13.07 -7.32
N ALA A 39 -22.16 13.63 -7.69
CA ALA A 39 -21.75 14.97 -7.28
C ALA A 39 -21.07 15.68 -8.46
N SER A 40 -21.34 16.99 -8.58
CA SER A 40 -20.91 17.80 -9.71
C SER A 40 -19.44 17.66 -10.10
N TYR A 41 -18.54 17.88 -9.13
CA TYR A 41 -17.10 17.86 -9.48
C TYR A 41 -16.66 16.44 -9.87
N GLN A 42 -17.34 15.44 -9.33
CA GLN A 42 -16.92 14.05 -9.58
C GLN A 42 -17.29 13.51 -10.98
N ILE A 43 -18.23 14.14 -11.67
CA ILE A 43 -18.73 13.58 -12.96
C ILE A 43 -18.71 14.52 -14.13
N GLU A 44 -18.87 15.82 -13.85
CA GLU A 44 -19.10 16.83 -14.90
C GLU A 44 -17.95 17.10 -15.90
N GLY A 45 -16.73 17.30 -15.39
CA GLY A 45 -15.65 17.84 -16.23
C GLY A 45 -15.99 19.25 -16.68
N SER A 46 -15.23 19.78 -17.63
CA SER A 46 -15.41 21.16 -18.07
C SER A 46 -15.62 22.15 -16.89
N PRO A 47 -14.72 22.17 -15.89
CA PRO A 47 -14.90 23.02 -14.71
C PRO A 47 -14.90 24.50 -15.04
N LEU A 48 -14.23 24.93 -16.10
CA LEU A 48 -14.18 26.37 -16.46
C LEU A 48 -15.03 26.75 -17.69
N ALA A 49 -15.85 25.82 -18.18
CA ALA A 49 -16.74 26.11 -19.32
C ALA A 49 -17.78 27.17 -19.00
N ASP A 50 -18.15 27.95 -20.02
CA ASP A 50 -19.33 28.82 -19.98
C ASP A 50 -19.31 29.85 -18.83
N GLY A 51 -18.15 30.46 -18.59
CA GLY A 51 -17.99 31.47 -17.54
C GLY A 51 -18.00 31.00 -16.07
N ALA A 52 -17.88 29.71 -15.82
CA ALA A 52 -17.79 29.19 -14.44
C ALA A 52 -16.53 29.69 -13.76
N GLY A 53 -16.62 30.01 -12.45
CA GLY A 53 -15.43 30.34 -11.68
C GLY A 53 -14.69 29.06 -11.30
N MET A 54 -13.42 29.15 -10.93
CA MET A 54 -12.68 28.04 -10.30
C MET A 54 -13.31 27.65 -8.95
N SER A 55 -13.32 26.36 -8.64
CA SER A 55 -13.62 25.85 -7.32
C SER A 55 -12.31 25.54 -6.62
N ILE A 56 -12.39 25.27 -5.31
CA ILE A 56 -11.22 24.83 -4.53
C ILE A 56 -10.74 23.41 -4.94
N TRP A 57 -11.63 22.60 -5.55
CA TRP A 57 -11.23 21.26 -6.01
C TRP A 57 -10.47 21.32 -7.31
N HIS A 58 -10.78 22.31 -8.13
CA HIS A 58 -9.96 22.64 -9.31
C HIS A 58 -8.52 23.01 -8.89
N THR A 59 -8.38 23.95 -7.96
CA THR A 59 -7.02 24.40 -7.57
C THR A 59 -6.26 23.36 -6.77
N PHE A 60 -6.99 22.63 -5.92
CA PHE A 60 -6.45 21.54 -5.12
C PHE A 60 -5.92 20.40 -5.99
N SER A 61 -6.73 19.94 -6.94
CA SER A 61 -6.35 18.78 -7.75
C SER A 61 -5.25 19.16 -8.74
N HIS A 62 -5.18 20.45 -9.11
CA HIS A 62 -4.10 20.98 -9.94
C HIS A 62 -2.83 21.32 -9.17
N THR A 63 -2.80 21.02 -7.87
CA THR A 63 -1.58 21.18 -7.08
C THR A 63 -0.90 19.80 -7.01
N PRO A 64 0.33 19.72 -7.51
CA PRO A 64 1.09 18.45 -7.50
C PRO A 64 1.15 17.82 -6.12
N GLY A 65 0.87 16.52 -6.04
CA GLY A 65 0.95 15.77 -4.80
C GLY A 65 -0.35 15.61 -4.03
N ASN A 66 -1.39 16.32 -4.42
CA ASN A 66 -2.64 16.28 -3.64
C ASN A 66 -3.55 15.07 -4.00
N VAL A 67 -3.52 14.67 -5.27
CA VAL A 67 -4.40 13.60 -5.78
C VAL A 67 -3.60 12.46 -6.46
N LYS A 68 -3.95 11.21 -6.13
CA LYS A 68 -3.35 10.04 -6.81
C LYS A 68 -3.22 10.27 -8.32
N ASN A 69 -2.03 9.94 -8.84
CA ASN A 69 -1.71 9.98 -10.26
C ASN A 69 -1.84 11.36 -10.89
N GLY A 70 -1.93 12.41 -10.09
CA GLY A 70 -2.16 13.74 -10.64
C GLY A 70 -3.55 13.91 -11.28
N ASP A 71 -4.51 13.06 -10.94
CA ASP A 71 -5.86 13.16 -11.53
C ASP A 71 -6.57 14.47 -11.12
N THR A 72 -7.40 14.98 -12.00
CA THR A 72 -8.23 16.14 -11.68
C THR A 72 -9.66 15.90 -12.21
N GLY A 73 -10.56 16.85 -11.93
CA GLY A 73 -11.87 16.80 -12.53
C GLY A 73 -12.01 17.57 -13.83
N ASP A 74 -10.90 17.84 -14.52
CA ASP A 74 -10.98 18.52 -15.82
C ASP A 74 -11.95 17.82 -16.81
N VAL A 75 -11.90 16.49 -16.86
CA VAL A 75 -12.73 15.74 -17.82
C VAL A 75 -13.76 14.86 -17.11
N ALA A 76 -13.29 14.07 -16.14
CA ALA A 76 -14.15 13.23 -15.32
C ALA A 76 -14.99 12.31 -16.22
N CYS A 77 -16.32 12.34 -16.07
CA CYS A 77 -17.23 11.53 -16.88
C CYS A 77 -17.77 12.30 -18.09
N ASP A 78 -17.27 13.54 -18.30
CA ASP A 78 -17.78 14.45 -19.31
C ASP A 78 -19.34 14.56 -19.28
N HIS A 79 -19.88 14.50 -18.08
CA HIS A 79 -21.31 14.62 -17.89
C HIS A 79 -21.81 16.02 -18.29
N TYR A 80 -20.91 17.00 -18.23
CA TYR A 80 -21.26 18.33 -18.70
C TYR A 80 -21.79 18.32 -20.16
N ASN A 81 -21.29 17.38 -20.97
CA ASN A 81 -21.76 17.20 -22.33
C ASN A 81 -22.72 16.00 -22.51
N ARG A 82 -22.52 14.95 -21.72
CA ARG A 82 -23.21 13.67 -21.87
C ARG A 82 -24.39 13.50 -20.90
N TRP A 83 -24.79 14.60 -20.26
CA TRP A 83 -25.90 14.61 -19.29
C TRP A 83 -27.20 13.93 -19.78
N LYS A 84 -27.61 14.18 -21.03
CA LYS A 84 -28.87 13.64 -21.57
C LYS A 84 -28.84 12.10 -21.61
N GLU A 85 -27.76 11.55 -22.14
CA GLU A 85 -27.57 10.11 -22.19
C GLU A 85 -27.48 9.47 -20.79
N ASP A 86 -26.87 10.19 -19.84
CA ASP A 86 -26.82 9.65 -18.48
C ASP A 86 -28.20 9.59 -17.84
N ILE A 87 -29.01 10.60 -18.07
CA ILE A 87 -30.35 10.59 -17.53
C ILE A 87 -31.16 9.46 -18.22
N GLU A 88 -31.02 9.35 -19.55
CA GLU A 88 -31.62 8.23 -20.31
C GLU A 88 -31.25 6.86 -19.70
N ILE A 89 -30.01 6.68 -19.25
CA ILE A 89 -29.65 5.47 -18.46
C ILE A 89 -30.47 5.31 -17.18
N ILE A 90 -30.66 6.41 -16.45
CA ILE A 90 -31.47 6.38 -15.23
C ILE A 90 -32.88 5.92 -15.61
N GLU A 91 -33.45 6.55 -16.65
CA GLU A 91 -34.80 6.27 -17.15
C GLU A 91 -34.95 4.81 -17.52
N LYS A 92 -34.08 4.35 -18.43
CA LYS A 92 -33.99 2.94 -18.84
C LYS A 92 -33.88 1.93 -17.68
N LEU A 93 -33.13 2.27 -16.64
CA LEU A 93 -33.01 1.38 -15.50
C LEU A 93 -34.27 1.47 -14.63
N GLY A 94 -35.11 2.46 -14.92
CA GLY A 94 -36.32 2.67 -14.14
C GLY A 94 -36.16 3.29 -12.74
N VAL A 95 -34.97 3.79 -12.39
CA VAL A 95 -34.84 4.36 -11.04
C VAL A 95 -35.64 5.66 -10.91
N LYS A 96 -36.19 5.87 -9.74
CA LYS A 96 -37.22 6.90 -9.54
C LYS A 96 -36.70 8.25 -9.08
N ALA A 97 -35.46 8.29 -8.62
CA ALA A 97 -34.90 9.50 -8.00
C ALA A 97 -33.41 9.66 -8.33
N TYR A 98 -33.01 10.88 -8.62
CA TYR A 98 -31.65 11.21 -8.91
C TYR A 98 -31.20 12.29 -7.93
N ARG A 99 -30.23 11.91 -7.12
CA ARG A 99 -29.54 12.86 -6.27
C ARG A 99 -28.29 13.38 -7.01
N PHE A 100 -28.29 14.67 -7.29
CA PHE A 100 -27.16 15.33 -7.89
C PHE A 100 -26.83 16.64 -7.20
N SER A 101 -25.62 17.14 -7.40
CA SER A 101 -25.23 18.41 -6.79
C SER A 101 -25.02 19.52 -7.79
N ILE A 102 -25.03 20.75 -7.29
CA ILE A 102 -24.86 21.93 -8.10
C ILE A 102 -23.49 22.50 -7.76
N SER A 103 -22.76 22.84 -8.80
CA SER A 103 -21.48 23.50 -8.66
C SER A 103 -21.69 25.00 -8.37
N TRP A 104 -21.51 25.40 -7.12
CA TRP A 104 -21.63 26.82 -6.74
C TRP A 104 -20.92 27.81 -7.72
N PRO A 105 -19.65 27.60 -8.02
CA PRO A 105 -18.97 28.48 -8.98
C PRO A 105 -19.50 28.46 -10.43
N ARG A 106 -20.31 27.47 -10.89
CA ARG A 106 -20.98 27.61 -12.20
C ARG A 106 -22.10 28.66 -12.15
N ILE A 107 -22.69 28.80 -10.97
CA ILE A 107 -23.82 29.68 -10.75
C ILE A 107 -23.36 31.08 -10.34
N LEU A 108 -22.47 31.16 -9.36
CA LEU A 108 -21.94 32.46 -8.92
C LEU A 108 -20.43 32.30 -8.98
N PRO A 109 -19.82 32.69 -10.10
CA PRO A 109 -18.39 32.48 -10.35
C PRO A 109 -17.47 33.14 -9.30
N GLU A 110 -17.88 34.28 -8.73
CA GLU A 110 -17.13 34.88 -7.60
C GLU A 110 -17.69 34.46 -6.26
N GLY A 111 -18.63 33.51 -6.25
CA GLY A 111 -19.25 33.05 -5.02
C GLY A 111 -20.44 33.87 -4.54
N THR A 112 -20.33 35.20 -4.62
CA THR A 112 -21.49 36.08 -4.41
C THR A 112 -21.58 37.07 -5.55
N GLY A 113 -22.69 37.83 -5.60
CA GLY A 113 -22.88 38.85 -6.62
C GLY A 113 -23.35 38.28 -7.95
N ARG A 114 -22.49 38.30 -8.95
CA ARG A 114 -22.88 37.97 -10.32
C ARG A 114 -23.42 36.54 -10.48
N VAL A 115 -24.55 36.41 -11.14
CA VAL A 115 -25.12 35.09 -11.44
C VAL A 115 -24.89 34.73 -12.92
N ASN A 116 -24.39 33.52 -13.15
CA ASN A 116 -24.04 33.06 -14.48
C ASN A 116 -25.24 32.32 -15.11
N GLN A 117 -25.92 32.98 -16.06
CA GLN A 117 -27.11 32.38 -16.67
C GLN A 117 -26.82 31.00 -17.31
N LYS A 118 -25.66 30.84 -17.91
CA LYS A 118 -25.32 29.56 -18.55
C LYS A 118 -25.16 28.41 -17.56
N GLY A 119 -24.75 28.72 -16.33
CA GLY A 119 -24.73 27.71 -15.28
C GLY A 119 -26.12 27.27 -14.88
N LEU A 120 -27.01 28.24 -14.69
CA LEU A 120 -28.40 27.96 -14.43
C LEU A 120 -29.00 27.16 -15.60
N ASP A 121 -28.63 27.49 -16.85
CA ASP A 121 -29.18 26.80 -18.01
C ASP A 121 -28.80 25.32 -17.98
N PHE A 122 -27.53 25.03 -17.66
CA PHE A 122 -27.06 23.64 -17.50
C PHE A 122 -27.93 22.79 -16.56
N TYR A 123 -28.21 23.31 -15.36
CA TYR A 123 -28.99 22.56 -14.37
C TYR A 123 -30.49 22.54 -14.68
N ASN A 124 -31.00 23.65 -15.23
CA ASN A 124 -32.38 23.70 -15.75
C ASN A 124 -32.68 22.56 -16.75
N ARG A 125 -31.78 22.36 -17.71
CA ARG A 125 -31.94 21.30 -18.72
C ARG A 125 -32.03 19.93 -18.04
N ILE A 126 -31.15 19.67 -17.08
CA ILE A 126 -31.14 18.42 -16.34
C ILE A 126 -32.46 18.26 -15.58
N ILE A 127 -32.87 19.32 -14.86
CA ILE A 127 -34.08 19.30 -14.05
C ILE A 127 -35.31 18.98 -14.93
N ASP A 128 -35.46 19.71 -16.03
CA ASP A 128 -36.61 19.51 -16.92
C ASP A 128 -36.66 18.12 -17.53
N THR A 129 -35.49 17.61 -17.91
CA THR A 129 -35.34 16.28 -18.49
C THR A 129 -35.77 15.19 -17.53
N LEU A 130 -35.34 15.32 -16.27
CA LEU A 130 -35.70 14.36 -15.22
C LEU A 130 -37.23 14.34 -15.01
N LEU A 131 -37.82 15.52 -14.87
CA LEU A 131 -39.24 15.61 -14.64
C LEU A 131 -40.05 15.04 -15.83
N GLU A 132 -39.67 15.42 -17.03
CA GLU A 132 -40.30 14.91 -18.23
C GLU A 132 -40.29 13.39 -18.22
N LYS A 133 -39.24 12.78 -17.68
CA LYS A 133 -39.12 11.32 -17.64
C LYS A 133 -39.57 10.69 -16.32
N GLY A 134 -40.25 11.47 -15.49
CA GLY A 134 -40.78 11.01 -14.22
C GLY A 134 -39.78 10.61 -13.13
N ILE A 135 -38.54 11.10 -13.23
CA ILE A 135 -37.52 10.94 -12.19
C ILE A 135 -37.55 12.16 -11.24
N THR A 136 -37.56 11.89 -9.93
CA THR A 136 -37.56 12.94 -8.90
C THR A 136 -36.14 13.50 -8.59
N PRO A 137 -35.91 14.79 -8.83
CA PRO A 137 -34.61 15.39 -8.51
C PRO A 137 -34.46 15.65 -7.02
N PHE A 138 -33.36 15.20 -6.44
CA PHE A 138 -32.93 15.60 -5.09
C PHE A 138 -31.65 16.40 -5.29
N VAL A 139 -31.68 17.69 -4.99
CA VAL A 139 -30.54 18.58 -5.24
C VAL A 139 -29.70 18.76 -3.96
N THR A 140 -28.46 18.32 -4.01
CA THR A 140 -27.45 18.69 -3.01
C THR A 140 -26.89 20.07 -3.37
N ILE A 141 -27.10 21.03 -2.48
CA ILE A 141 -26.64 22.41 -2.75
C ILE A 141 -25.09 22.51 -2.70
N TYR A 142 -24.51 21.87 -1.72
CA TYR A 142 -23.06 21.91 -1.51
C TYR A 142 -22.46 20.54 -1.37
N HIS A 143 -21.70 20.16 -2.38
CA HIS A 143 -20.98 18.88 -2.35
C HIS A 143 -19.50 19.16 -2.69
N TRP A 144 -18.94 20.13 -1.95
CA TRP A 144 -17.49 20.30 -1.71
C TRP A 144 -16.77 21.23 -2.68
N ASP A 145 -17.42 21.63 -3.77
CA ASP A 145 -16.73 22.53 -4.70
C ASP A 145 -17.04 24.01 -4.45
N LEU A 146 -16.58 24.51 -3.30
CA LEU A 146 -16.60 25.93 -2.98
C LEU A 146 -15.92 26.75 -4.07
N PRO A 147 -16.48 27.92 -4.39
CA PRO A 147 -15.80 28.84 -5.31
C PRO A 147 -14.46 29.22 -4.71
N PHE A 148 -13.38 29.06 -5.48
CA PHE A 148 -12.07 29.53 -5.10
C PHE A 148 -12.05 30.98 -4.57
N ALA A 149 -12.80 31.89 -5.20
CA ALA A 149 -12.90 33.27 -4.78
C ALA A 149 -13.31 33.45 -3.32
N LEU A 150 -14.09 32.51 -2.79
CA LEU A 150 -14.49 32.54 -1.40
C LEU A 150 -13.42 31.93 -0.49
N GLN A 151 -12.69 30.94 -1.00
CA GLN A 151 -11.58 30.40 -0.24
C GLN A 151 -10.53 31.49 0.03
N LEU A 152 -10.36 32.38 -0.94
CA LEU A 152 -9.41 33.50 -0.77
C LEU A 152 -9.82 34.37 0.40
N LYS A 153 -11.10 34.27 0.79
CA LYS A 153 -11.61 35.04 1.91
C LYS A 153 -11.79 34.16 3.14
N GLY A 154 -11.14 33.01 3.15
CA GLY A 154 -11.20 32.12 4.30
C GLY A 154 -12.15 30.94 4.18
N GLY A 155 -13.06 30.96 3.22
CA GLY A 155 -13.97 29.84 2.97
C GLY A 155 -14.77 29.51 4.20
N TRP A 156 -14.72 28.26 4.61
CA TRP A 156 -15.53 27.80 5.76
C TRP A 156 -15.08 28.33 7.12
N ALA A 157 -13.85 28.83 7.19
CA ALA A 157 -13.25 29.46 8.35
C ALA A 157 -13.85 30.86 8.65
N ASN A 158 -14.46 31.49 7.66
CA ASN A 158 -14.97 32.83 7.81
C ASN A 158 -16.47 32.82 8.17
N ARG A 159 -16.82 33.47 9.27
CA ARG A 159 -18.20 33.51 9.76
C ARG A 159 -19.16 33.99 8.70
N GLU A 160 -18.69 34.91 7.85
CA GLU A 160 -19.48 35.44 6.75
C GLU A 160 -19.95 34.42 5.72
N ILE A 161 -19.36 33.22 5.70
CA ILE A 161 -19.88 32.18 4.82
C ILE A 161 -21.39 31.87 5.04
N ALA A 162 -21.88 32.07 6.27
CA ALA A 162 -23.32 31.91 6.52
C ALA A 162 -24.14 32.87 5.65
N ASP A 163 -23.66 34.11 5.43
CA ASP A 163 -24.28 35.03 4.45
C ASP A 163 -24.08 34.59 2.99
N TRP A 164 -22.84 34.25 2.61
CA TRP A 164 -22.58 33.83 1.21
C TRP A 164 -23.45 32.62 0.83
N PHE A 165 -23.51 31.63 1.72
CA PHE A 165 -24.25 30.40 1.47
C PHE A 165 -25.76 30.66 1.35
N ALA A 166 -26.26 31.56 2.18
CA ALA A 166 -27.67 32.00 2.14
C ALA A 166 -28.01 32.66 0.80
N GLU A 167 -27.13 33.55 0.34
CA GLU A 167 -27.30 34.17 -0.96
C GLU A 167 -27.34 33.11 -2.08
N TYR A 168 -26.34 32.22 -2.09
CA TYR A 168 -26.28 31.12 -3.08
C TYR A 168 -27.55 30.26 -3.04
N SER A 169 -27.91 29.79 -1.86
CA SER A 169 -29.07 28.93 -1.71
C SER A 169 -30.33 29.62 -2.23
N ARG A 170 -30.47 30.90 -1.89
CA ARG A 170 -31.59 31.71 -2.33
C ARG A 170 -31.69 31.71 -3.83
N VAL A 171 -30.55 31.87 -4.52
CA VAL A 171 -30.55 31.89 -5.98
C VAL A 171 -31.07 30.57 -6.53
N LEU A 172 -30.65 29.46 -5.92
CA LEU A 172 -31.07 28.12 -6.37
C LEU A 172 -32.58 27.91 -6.14
N PHE A 173 -33.07 28.31 -4.96
CA PHE A 173 -34.50 28.26 -4.65
C PHE A 173 -35.34 29.07 -5.61
N GLU A 174 -34.88 30.28 -5.94
CA GLU A 174 -35.67 31.18 -6.79
C GLU A 174 -35.74 30.71 -8.23
N ASN A 175 -34.67 30.08 -8.69
CA ASN A 175 -34.59 29.61 -10.06
C ASN A 175 -35.11 28.19 -10.29
N PHE A 176 -34.95 27.30 -9.29
CA PHE A 176 -35.28 25.90 -9.46
C PHE A 176 -36.41 25.39 -8.57
N GLY A 177 -36.76 26.15 -7.53
CA GLY A 177 -37.68 25.70 -6.50
C GLY A 177 -39.09 25.49 -6.99
N ASP A 178 -39.40 26.02 -8.18
CA ASP A 178 -40.69 25.78 -8.83
C ASP A 178 -40.81 24.30 -9.26
N ARG A 179 -39.68 23.66 -9.56
CA ARG A 179 -39.65 22.29 -10.08
C ARG A 179 -38.98 21.32 -9.13
N VAL A 180 -37.86 21.71 -8.53
CA VAL A 180 -37.23 20.90 -7.49
C VAL A 180 -37.86 21.15 -6.14
N LYS A 181 -38.28 20.07 -5.47
CA LYS A 181 -38.95 20.16 -4.19
C LYS A 181 -38.22 19.42 -3.05
N ASN A 182 -37.14 18.74 -3.37
CA ASN A 182 -36.38 17.98 -2.38
C ASN A 182 -34.91 18.47 -2.40
N TRP A 183 -34.46 19.05 -1.29
CA TRP A 183 -33.24 19.86 -1.25
C TRP A 183 -32.37 19.38 -0.10
N ILE A 184 -31.05 19.40 -0.28
CA ILE A 184 -30.07 19.03 0.75
C ILE A 184 -29.07 20.16 0.84
N THR A 185 -28.90 20.77 2.03
CA THR A 185 -28.00 21.90 2.18
C THR A 185 -26.55 21.46 1.95
N LEU A 186 -26.09 20.52 2.78
CA LEU A 186 -24.69 20.11 2.84
C LEU A 186 -24.56 18.61 2.70
N ASN A 187 -23.58 18.18 1.92
CA ASN A 187 -23.11 16.82 1.93
C ASN A 187 -21.94 16.63 2.89
N GLU A 188 -22.13 15.78 3.90
CA GLU A 188 -21.05 15.35 4.80
C GLU A 188 -20.20 16.49 5.36
N PRO A 189 -20.79 17.37 6.15
CA PRO A 189 -20.01 18.50 6.70
C PRO A 189 -18.84 18.08 7.61
N TRP A 190 -18.88 16.88 8.20
CA TRP A 190 -17.71 16.43 8.99
C TRP A 190 -16.47 16.34 8.07
N VAL A 191 -16.64 15.72 6.90
CA VAL A 191 -15.55 15.56 5.95
C VAL A 191 -15.08 16.95 5.51
N VAL A 192 -16.02 17.84 5.19
CA VAL A 192 -15.72 19.17 4.69
C VAL A 192 -14.79 19.86 5.70
N ALA A 193 -15.17 19.83 6.99
CA ALA A 193 -14.39 20.47 8.05
C ALA A 193 -13.12 19.71 8.40
N ILE A 194 -13.25 18.43 8.73
CA ILE A 194 -12.11 17.73 9.30
C ILE A 194 -11.11 17.25 8.24
N VAL A 195 -11.61 16.69 7.14
CA VAL A 195 -10.70 16.16 6.14
C VAL A 195 -10.11 17.34 5.33
N GLY A 196 -10.88 18.42 5.21
CA GLY A 196 -10.49 19.57 4.41
C GLY A 196 -9.57 20.50 5.18
N HIS A 197 -9.80 20.61 6.49
CA HIS A 197 -9.09 21.61 7.28
C HIS A 197 -8.26 21.10 8.43
N LEU A 198 -8.39 19.82 8.80
CA LEU A 198 -7.54 19.23 9.83
C LEU A 198 -6.59 18.22 9.25
N TYR A 199 -7.09 17.33 8.38
CA TYR A 199 -6.23 16.31 7.83
C TYR A 199 -5.51 16.85 6.60
N GLY A 200 -6.08 17.85 5.96
CA GLY A 200 -5.49 18.38 4.74
C GLY A 200 -5.56 17.44 3.55
N VAL A 201 -6.36 16.39 3.63
CA VAL A 201 -6.45 15.43 2.52
C VAL A 201 -7.39 15.87 1.39
N HIS A 202 -8.30 16.79 1.72
CA HIS A 202 -9.26 17.28 0.75
C HIS A 202 -9.06 18.77 0.66
N ALA A 203 -9.55 19.39 -0.41
CA ALA A 203 -9.57 20.88 -0.47
C ALA A 203 -10.29 21.48 0.77
N PRO A 204 -9.83 22.61 1.30
CA PRO A 204 -8.70 23.36 0.76
C PRO A 204 -7.32 22.89 1.23
N GLY A 205 -7.21 21.72 1.88
CA GLY A 205 -5.90 21.14 2.20
C GLY A 205 -5.17 21.79 3.39
N MET A 206 -5.93 22.18 4.40
CA MET A 206 -5.35 22.81 5.57
C MET A 206 -5.17 21.79 6.70
N ARG A 207 -4.28 22.10 7.63
CA ARG A 207 -4.05 21.24 8.81
C ARG A 207 -4.03 22.09 10.03
N ASP A 208 -5.20 22.50 10.51
CA ASP A 208 -5.28 23.38 11.67
C ASP A 208 -6.57 23.06 12.40
N ILE A 209 -6.45 22.54 13.62
CA ILE A 209 -7.62 22.04 14.39
C ILE A 209 -8.57 23.17 14.82
N TYR A 210 -8.01 24.35 15.02
CA TYR A 210 -8.81 25.50 15.35
C TYR A 210 -9.63 25.94 14.13
N VAL A 211 -9.01 25.93 12.95
CA VAL A 211 -9.80 26.27 11.77
C VAL A 211 -10.89 25.20 11.55
N ALA A 212 -10.52 23.93 11.69
CA ALA A 212 -11.45 22.84 11.44
C ALA A 212 -12.72 22.88 12.28
N PHE A 213 -12.60 23.27 13.57
CA PHE A 213 -13.80 23.37 14.40
C PHE A 213 -14.58 24.66 14.17
N ARG A 214 -13.91 25.74 13.78
CA ARG A 214 -14.65 26.90 13.25
C ARG A 214 -15.44 26.56 11.99
N ALA A 215 -14.87 25.71 11.13
CA ALA A 215 -15.56 25.28 9.93
C ALA A 215 -16.80 24.41 10.27
N VAL A 216 -16.66 23.44 11.18
CA VAL A 216 -17.80 22.71 11.74
C VAL A 216 -18.93 23.67 12.11
N HIS A 217 -18.57 24.67 12.87
CA HIS A 217 -19.57 25.60 13.43
C HIS A 217 -20.20 26.47 12.36
N ASN A 218 -19.37 26.99 11.45
CA ASN A 218 -19.91 27.77 10.33
C ASN A 218 -20.75 26.96 9.34
N LEU A 219 -20.39 25.70 9.14
CA LEU A 219 -21.23 24.79 8.35
C LEU A 219 -22.67 24.73 8.89
N LEU A 220 -22.81 24.55 10.20
CA LEU A 220 -24.12 24.60 10.88
C LEU A 220 -24.84 25.91 10.69
N ARG A 221 -24.13 27.03 10.83
CA ARG A 221 -24.76 28.33 10.71
C ARG A 221 -25.19 28.54 9.28
N ALA A 222 -24.37 28.11 8.33
CA ALA A 222 -24.76 28.30 6.94
C ALA A 222 -25.95 27.37 6.60
N HIS A 223 -25.89 26.12 7.04
CA HIS A 223 -27.02 25.23 6.84
C HIS A 223 -28.35 25.84 7.39
N ALA A 224 -28.30 26.35 8.61
CA ALA A 224 -29.49 26.96 9.22
C ALA A 224 -29.97 28.18 8.46
N ARG A 225 -29.05 29.03 8.01
CA ARG A 225 -29.46 30.17 7.22
C ARG A 225 -30.15 29.80 5.88
N ALA A 226 -29.59 28.80 5.18
CA ALA A 226 -30.18 28.26 3.97
C ALA A 226 -31.61 27.74 4.22
N VAL A 227 -31.82 26.95 5.27
CA VAL A 227 -33.15 26.43 5.62
C VAL A 227 -34.16 27.57 5.87
N LYS A 228 -33.72 28.59 6.59
CA LYS A 228 -34.51 29.80 6.85
C LYS A 228 -34.98 30.50 5.58
N VAL A 229 -34.06 30.75 4.66
CA VAL A 229 -34.47 31.35 3.39
C VAL A 229 -35.36 30.39 2.54
N PHE A 230 -35.13 29.09 2.67
CA PHE A 230 -35.94 28.10 1.95
C PHE A 230 -37.45 28.19 2.37
N ARG A 231 -37.69 28.34 3.68
CA ARG A 231 -39.05 28.59 4.19
C ARG A 231 -39.76 29.78 3.57
N GLU A 232 -38.98 30.78 3.16
CA GLU A 232 -39.48 32.02 2.58
C GLU A 232 -39.69 31.93 1.07
N THR A 233 -39.04 30.98 0.40
CA THR A 233 -39.03 30.99 -1.06
C THR A 233 -39.59 29.73 -1.73
N VAL A 234 -39.66 28.60 -1.00
CA VAL A 234 -40.23 27.36 -1.55
C VAL A 234 -41.32 26.85 -0.58
N LYS A 235 -42.56 27.30 -0.79
CA LYS A 235 -43.66 27.05 0.16
C LYS A 235 -44.00 25.56 0.36
N ASP A 236 -43.87 24.76 -0.71
CA ASP A 236 -44.23 23.33 -0.75
C ASP A 236 -43.02 22.40 -0.81
N GLY A 237 -41.85 22.87 -0.42
CA GLY A 237 -40.67 22.02 -0.49
C GLY A 237 -40.27 21.30 0.78
N LYS A 238 -39.34 20.35 0.64
CA LYS A 238 -38.71 19.70 1.76
C LYS A 238 -37.18 19.86 1.69
N ILE A 239 -36.57 20.16 2.84
CA ILE A 239 -35.14 20.35 2.94
C ILE A 239 -34.50 19.59 4.10
N GLY A 240 -33.34 19.01 3.84
CA GLY A 240 -32.61 18.25 4.84
C GLY A 240 -31.11 18.47 4.70
N ILE A 241 -30.33 17.54 5.25
CA ILE A 241 -28.88 17.63 5.34
C ILE A 241 -28.34 16.21 5.45
N VAL A 242 -27.13 15.98 4.93
CA VAL A 242 -26.58 14.64 4.78
C VAL A 242 -25.33 14.48 5.62
N PHE A 243 -25.26 13.38 6.37
CA PHE A 243 -24.06 13.08 7.15
C PHE A 243 -23.45 11.75 6.77
N ASN A 244 -22.13 11.67 6.86
CA ASN A 244 -21.41 10.42 6.78
C ASN A 244 -21.46 9.67 8.14
N ASN A 245 -21.51 8.34 8.08
CA ASN A 245 -21.53 7.57 9.32
C ASN A 245 -20.80 6.28 9.14
N GLY A 246 -20.05 5.89 10.17
CA GLY A 246 -19.46 4.55 10.26
C GLY A 246 -20.12 3.77 11.40
N TYR A 247 -20.10 2.43 11.32
CA TYR A 247 -20.56 1.57 12.43
C TYR A 247 -19.32 1.23 13.27
N PHE A 248 -19.18 1.91 14.39
CA PHE A 248 -18.05 1.67 15.28
C PHE A 248 -18.36 0.61 16.36
N GLU A 249 -17.49 -0.40 16.44
CA GLU A 249 -17.55 -1.49 17.44
C GLU A 249 -16.26 -1.53 18.29
N PRO A 250 -16.39 -1.80 19.59
CA PRO A 250 -15.23 -1.73 20.51
C PRO A 250 -14.35 -2.97 20.40
N ALA A 251 -13.04 -2.79 20.58
CA ALA A 251 -12.06 -3.86 20.35
C ALA A 251 -12.20 -4.92 21.43
N SER A 252 -12.26 -4.43 22.67
CA SER A 252 -12.47 -5.27 23.82
C SER A 252 -13.83 -4.92 24.43
N GLU A 253 -14.27 -5.73 25.38
CA GLU A 253 -15.42 -5.41 26.20
C GLU A 253 -15.02 -4.50 27.38
N LYS A 254 -13.77 -4.00 27.39
CA LYS A 254 -13.33 -3.08 28.45
C LYS A 254 -14.08 -1.73 28.44
N GLU A 255 -14.03 -1.03 29.57
CA GLU A 255 -14.72 0.26 29.72
C GLU A 255 -14.26 1.29 28.68
N GLU A 256 -12.95 1.56 28.65
CA GLU A 256 -12.38 2.63 27.81
C GLU A 256 -12.63 2.46 26.29
N ASP A 257 -12.71 1.20 25.85
CA ASP A 257 -12.96 0.88 24.44
C ASP A 257 -14.40 1.23 24.03
N ILE A 258 -15.33 0.98 24.95
CA ILE A 258 -16.75 1.26 24.74
C ILE A 258 -16.95 2.77 24.70
N ARG A 259 -16.13 3.47 25.49
CA ARG A 259 -16.12 4.93 25.52
C ARG A 259 -15.51 5.51 24.24
N ALA A 260 -14.42 4.89 23.77
CA ALA A 260 -13.79 5.28 22.53
C ALA A 260 -14.82 5.16 21.40
N VAL A 261 -15.68 4.14 21.46
CA VAL A 261 -16.78 3.99 20.51
C VAL A 261 -17.77 5.15 20.61
N ARG A 262 -18.00 5.62 21.83
CA ARG A 262 -18.99 6.64 22.11
C ARG A 262 -18.50 8.01 21.63
N PHE A 263 -17.21 8.26 21.79
CA PHE A 263 -16.60 9.44 21.19
C PHE A 263 -16.72 9.44 19.65
N MET A 264 -16.35 8.33 19.03
CA MET A 264 -16.30 8.26 17.57
C MET A 264 -17.64 8.45 16.91
N HIS A 265 -18.71 8.00 17.58
CA HIS A 265 -20.05 8.05 17.01
C HIS A 265 -20.48 9.50 17.13
N GLN A 266 -20.12 10.13 18.24
CA GLN A 266 -20.55 11.49 18.48
C GLN A 266 -19.81 12.51 17.59
N PHE A 267 -18.58 12.17 17.23
CA PHE A 267 -17.68 13.06 16.49
C PHE A 267 -17.83 12.81 14.99
N ASN A 268 -17.75 11.54 14.60
CA ASN A 268 -17.73 11.13 13.19
C ASN A 268 -19.13 10.90 12.60
N ASN A 269 -20.13 10.58 13.44
CA ASN A 269 -21.46 10.36 12.87
C ASN A 269 -22.37 11.57 13.06
N TYR A 270 -23.64 11.44 12.70
CA TYR A 270 -24.59 12.56 12.71
C TYR A 270 -24.75 13.38 14.02
N PRO A 271 -24.44 12.85 15.22
CA PRO A 271 -24.68 13.65 16.44
C PRO A 271 -23.89 14.97 16.45
N LEU A 272 -22.70 15.02 15.85
CA LEU A 272 -21.94 16.28 15.80
C LEU A 272 -22.78 17.46 15.28
N PHE A 273 -23.66 17.18 14.34
CA PHE A 273 -24.52 18.20 13.76
C PHE A 273 -25.98 18.14 14.26
N LEU A 274 -26.48 16.93 14.51
CA LEU A 274 -27.89 16.74 14.94
C LEU A 274 -28.14 17.07 16.41
N ASN A 275 -27.12 16.88 17.25
CA ASN A 275 -27.18 17.38 18.62
C ASN A 275 -27.37 18.88 18.64
N PRO A 276 -26.56 19.67 17.91
CA PRO A 276 -26.89 21.10 17.73
C PRO A 276 -28.25 21.38 17.13
N ILE A 277 -28.63 20.71 16.05
CA ILE A 277 -29.86 21.05 15.34
C ILE A 277 -31.09 20.72 16.23
N TYR A 278 -31.04 19.56 16.91
CA TYR A 278 -32.19 19.13 17.77
C TYR A 278 -32.11 19.53 19.25
N ARG A 279 -30.92 19.60 19.81
CA ARG A 279 -30.76 19.90 21.23
C ARG A 279 -30.07 21.23 21.56
N GLY A 280 -29.49 21.88 20.54
CA GLY A 280 -28.90 23.20 20.72
C GLY A 280 -27.53 23.20 21.40
N ASP A 281 -26.83 22.07 21.35
CA ASP A 281 -25.42 22.09 21.76
C ASP A 281 -24.70 20.95 21.07
N TYR A 282 -23.35 20.97 21.13
CA TYR A 282 -22.56 19.87 20.58
C TYR A 282 -22.66 18.69 21.51
N PRO A 283 -22.42 17.49 21.03
CA PRO A 283 -22.47 16.32 21.94
C PRO A 283 -21.36 16.38 22.99
N GLU A 284 -21.57 15.68 24.10
CA GLU A 284 -20.78 15.86 25.31
C GLU A 284 -19.30 15.46 25.17
N LEU A 285 -19.02 14.35 24.51
CA LEU A 285 -17.64 13.91 24.35
C LEU A 285 -16.90 14.81 23.35
N VAL A 286 -17.64 15.41 22.42
CA VAL A 286 -17.08 16.37 21.47
C VAL A 286 -16.63 17.62 22.20
N LEU A 287 -17.41 18.04 23.19
CA LEU A 287 -17.01 19.19 23.97
C LEU A 287 -15.83 18.88 24.86
N GLU A 288 -15.79 17.68 25.43
CA GLU A 288 -14.61 17.24 26.20
C GLU A 288 -13.34 17.30 25.34
N PHE A 289 -13.48 16.89 24.09
CA PHE A 289 -12.31 16.92 23.22
C PHE A 289 -12.00 18.32 22.65
N ALA A 290 -13.02 19.09 22.29
CA ALA A 290 -12.81 20.20 21.36
C ALA A 290 -13.28 21.57 21.79
N ARG A 291 -13.59 21.77 23.07
CA ARG A 291 -14.17 23.06 23.45
C ARG A 291 -13.15 24.19 23.31
N GLU A 292 -11.85 23.90 23.50
CA GLU A 292 -10.80 24.93 23.27
C GLU A 292 -10.72 25.38 21.80
N TYR A 293 -11.19 24.53 20.89
CA TYR A 293 -11.04 24.77 19.42
C TYR A 293 -12.26 25.49 18.86
N LEU A 294 -13.38 25.42 19.58
CA LEU A 294 -14.60 26.07 19.11
C LEU A 294 -14.56 27.56 19.37
N PRO A 295 -15.32 28.35 18.63
CA PRO A 295 -15.30 29.80 18.86
C PRO A 295 -15.73 30.11 20.29
N GLU A 296 -15.21 31.19 20.87
CA GLU A 296 -15.56 31.53 22.25
C GLU A 296 -17.04 31.71 22.52
N ASN A 297 -17.85 32.39 21.77
CA ASN A 297 -19.25 32.40 22.22
C ASN A 297 -20.10 31.57 21.26
N TYR A 298 -19.68 30.31 21.03
CA TYR A 298 -20.34 29.49 20.01
C TYR A 298 -21.82 29.28 20.36
N LYS A 299 -22.12 29.30 21.65
CA LYS A 299 -23.48 29.03 22.14
C LYS A 299 -24.48 30.07 21.69
N ASP A 300 -24.01 31.27 21.40
CA ASP A 300 -24.89 32.33 20.99
C ASP A 300 -25.53 32.00 19.66
N ASP A 301 -24.88 31.10 18.91
CA ASP A 301 -25.39 30.77 17.56
C ASP A 301 -26.40 29.63 17.59
N MET A 302 -26.49 28.96 18.74
CA MET A 302 -27.20 27.68 18.80
C MET A 302 -28.69 27.79 18.54
N SER A 303 -29.29 28.89 18.99
CA SER A 303 -30.72 29.06 18.82
C SER A 303 -31.07 29.11 17.33
N GLU A 304 -30.24 29.79 16.54
CA GLU A 304 -30.49 29.90 15.10
C GLU A 304 -30.22 28.59 14.35
N ILE A 305 -29.24 27.85 14.82
CA ILE A 305 -28.88 26.53 14.31
C ILE A 305 -30.02 25.49 14.42
N GLN A 306 -30.93 25.71 15.37
CA GLN A 306 -32.02 24.77 15.61
C GLN A 306 -33.20 24.88 14.63
N GLU A 307 -33.09 25.77 13.65
CA GLU A 307 -33.99 25.86 12.50
C GLU A 307 -34.50 24.47 12.08
N LYS A 308 -35.82 24.33 11.97
CA LYS A 308 -36.40 22.99 11.80
C LYS A 308 -36.17 22.41 10.37
N ILE A 309 -35.71 21.17 10.32
CA ILE A 309 -35.48 20.46 9.06
C ILE A 309 -36.56 19.39 8.81
N ASP A 310 -36.75 19.03 7.54
CA ASP A 310 -37.73 18.03 7.10
C ASP A 310 -37.24 16.62 7.03
N PHE A 311 -35.93 16.42 6.82
CA PHE A 311 -35.42 15.07 6.75
C PHE A 311 -33.94 15.04 7.04
N VAL A 312 -33.46 13.87 7.42
CA VAL A 312 -32.05 13.64 7.62
C VAL A 312 -31.59 12.64 6.57
N GLY A 313 -30.51 12.97 5.87
CA GLY A 313 -29.91 12.00 4.99
C GLY A 313 -28.76 11.33 5.73
N LEU A 314 -28.70 10.00 5.69
CA LEU A 314 -27.51 9.31 6.19
C LEU A 314 -26.82 8.58 5.07
N ASN A 315 -25.51 8.80 4.98
CA ASN A 315 -24.65 8.03 4.12
C ASN A 315 -24.03 6.92 4.95
N TYR A 316 -23.84 5.75 4.36
CA TYR A 316 -23.21 4.65 5.10
C TYR A 316 -22.40 3.72 4.16
N TYR A 317 -21.21 3.31 4.61
CA TYR A 317 -20.33 2.49 3.76
C TYR A 317 -19.69 1.33 4.52
N SER A 318 -19.27 1.61 5.75
CA SER A 318 -18.31 0.76 6.44
C SER A 318 -18.42 0.76 7.97
N GLY A 319 -17.89 -0.30 8.58
CA GLY A 319 -17.72 -0.36 10.02
C GLY A 319 -16.25 -0.42 10.44
N HIS A 320 -15.98 -0.10 11.69
CA HIS A 320 -14.61 0.04 12.17
C HIS A 320 -14.52 -0.49 13.57
N LEU A 321 -13.58 -1.40 13.80
CA LEU A 321 -13.25 -1.79 15.17
C LEU A 321 -12.31 -0.75 15.76
N VAL A 322 -12.68 -0.19 16.90
CA VAL A 322 -11.92 0.87 17.54
C VAL A 322 -11.60 0.52 18.98
N LYS A 323 -10.51 1.08 19.48
CA LYS A 323 -10.09 0.88 20.86
C LYS A 323 -9.48 2.16 21.40
N PHE A 324 -9.51 2.33 22.73
CA PHE A 324 -8.78 3.42 23.37
C PHE A 324 -7.33 3.27 23.04
N ASP A 325 -6.65 4.40 22.85
CA ASP A 325 -5.22 4.43 22.62
C ASP A 325 -4.68 5.77 23.13
N PRO A 326 -3.80 5.73 24.15
CA PRO A 326 -3.31 6.95 24.83
C PRO A 326 -2.35 7.79 23.97
N ASP A 327 -1.82 7.18 22.92
CA ASP A 327 -0.81 7.84 22.08
C ASP A 327 -1.44 8.51 20.86
N ALA A 328 -2.71 8.18 20.58
CA ALA A 328 -3.42 8.76 19.44
C ALA A 328 -4.04 10.12 19.78
N PRO A 329 -3.86 11.09 18.88
CA PRO A 329 -4.68 12.31 18.94
C PRO A 329 -6.15 11.88 18.92
N ALA A 330 -6.92 12.41 19.85
CA ALA A 330 -8.32 12.02 20.06
C ALA A 330 -8.46 10.76 20.92
N LYS A 331 -7.32 10.11 21.23
CA LYS A 331 -7.26 8.93 22.12
C LYS A 331 -7.97 7.72 21.53
N VAL A 332 -7.94 7.61 20.20
CA VAL A 332 -8.58 6.50 19.51
C VAL A 332 -7.74 6.00 18.37
N SER A 333 -7.59 4.69 18.29
CA SER A 333 -7.00 4.05 17.12
C SER A 333 -8.02 3.11 16.51
N PHE A 334 -7.86 2.85 15.22
CA PHE A 334 -8.63 1.81 14.54
C PHE A 334 -7.84 0.51 14.62
N VAL A 335 -8.53 -0.61 14.82
CA VAL A 335 -7.84 -1.89 14.77
C VAL A 335 -8.36 -2.73 13.60
N GLU A 336 -7.44 -3.23 12.79
CA GLU A 336 -7.79 -3.98 11.59
C GLU A 336 -8.45 -5.32 11.92
N ARG A 337 -9.51 -5.67 11.20
CA ARG A 337 -10.19 -6.95 11.37
C ARG A 337 -10.07 -7.79 10.10
N ASP A 338 -9.99 -9.10 10.29
CA ASP A 338 -10.01 -10.06 9.19
C ASP A 338 -11.43 -10.17 8.64
N LEU A 339 -11.85 -9.20 7.83
CA LEU A 339 -13.19 -9.19 7.26
C LEU A 339 -13.10 -8.90 5.76
N PRO A 340 -14.13 -9.27 5.00
CA PRO A 340 -14.16 -8.87 3.58
C PRO A 340 -14.11 -7.33 3.44
N LYS A 341 -13.33 -6.85 2.48
CA LYS A 341 -13.11 -5.41 2.31
C LYS A 341 -13.33 -5.02 0.86
N THR A 342 -13.63 -3.74 0.64
CA THR A 342 -13.73 -3.19 -0.71
C THR A 342 -12.32 -2.80 -1.17
N ALA A 343 -12.20 -2.30 -2.39
CA ALA A 343 -10.96 -1.74 -2.90
C ALA A 343 -10.52 -0.52 -2.09
N MET A 344 -11.43 0.10 -1.34
CA MET A 344 -11.01 1.21 -0.48
C MET A 344 -10.23 0.70 0.71
N GLY A 345 -10.33 -0.61 0.96
CA GLY A 345 -9.85 -1.19 2.18
C GLY A 345 -10.87 -1.09 3.29
N TRP A 346 -12.13 -0.79 2.94
CA TRP A 346 -13.18 -0.58 3.94
C TRP A 346 -13.87 -1.91 4.32
N GLU A 347 -14.03 -2.17 5.61
CA GLU A 347 -14.72 -3.40 6.08
C GLU A 347 -16.23 -3.41 5.77
N ILE A 348 -16.68 -4.50 5.18
CA ILE A 348 -18.06 -4.69 4.77
C ILE A 348 -18.87 -5.21 5.95
N VAL A 349 -19.61 -4.31 6.61
CA VAL A 349 -20.42 -4.67 7.78
C VAL A 349 -21.87 -4.22 7.53
N PRO A 350 -22.64 -5.05 6.85
CA PRO A 350 -24.00 -4.69 6.42
C PRO A 350 -24.89 -4.22 7.55
N GLU A 351 -24.70 -4.75 8.75
CA GLU A 351 -25.62 -4.46 9.85
C GLU A 351 -25.42 -3.04 10.41
N GLY A 352 -24.36 -2.39 9.95
CA GLY A 352 -24.12 -1.01 10.31
C GLY A 352 -25.22 -0.11 9.82
N ILE A 353 -25.70 -0.34 8.60
CA ILE A 353 -26.74 0.51 8.03
C ILE A 353 -28.03 0.41 8.87
N TYR A 354 -28.33 -0.80 9.37
CA TYR A 354 -29.46 -1.01 10.29
C TYR A 354 -29.20 -0.33 11.64
N TRP A 355 -28.02 -0.53 12.20
CA TRP A 355 -27.68 0.07 13.48
C TRP A 355 -27.83 1.61 13.44
N ILE A 356 -27.30 2.25 12.41
CA ILE A 356 -27.36 3.70 12.31
C ILE A 356 -28.79 4.23 12.12
N LEU A 357 -29.60 3.48 11.39
CA LEU A 357 -31.00 3.86 11.18
C LEU A 357 -31.77 3.79 12.49
N LYS A 358 -31.56 2.71 13.22
CA LYS A 358 -32.12 2.51 14.56
C LYS A 358 -31.69 3.64 15.47
N LYS A 359 -30.38 3.86 15.49
CA LYS A 359 -29.80 4.84 16.40
C LYS A 359 -30.31 6.26 16.13
N VAL A 360 -30.40 6.68 14.85
CA VAL A 360 -30.89 8.04 14.56
C VAL A 360 -32.34 8.26 15.07
N LYS A 361 -33.19 7.23 14.97
CA LYS A 361 -34.56 7.32 15.53
C LYS A 361 -34.47 7.45 17.05
N GLU A 362 -33.71 6.56 17.67
CA GLU A 362 -33.54 6.56 19.13
C GLU A 362 -33.08 7.92 19.65
N GLU A 363 -32.07 8.51 19.01
CA GLU A 363 -31.44 9.70 19.57
C GLU A 363 -32.20 11.00 19.27
N TYR A 364 -32.71 11.15 18.05
CA TYR A 364 -33.23 12.47 17.62
C TYR A 364 -34.58 12.37 16.95
N ASN A 365 -35.00 11.16 16.63
CA ASN A 365 -36.34 10.94 16.06
C ASN A 365 -36.76 11.91 14.93
N PRO A 366 -35.98 12.02 13.85
CA PRO A 366 -36.36 12.90 12.74
C PRO A 366 -37.62 12.36 12.07
N PRO A 367 -38.49 13.22 11.56
CA PRO A 367 -39.76 12.78 10.96
C PRO A 367 -39.58 11.92 9.70
N GLU A 368 -38.52 12.20 8.90
CA GLU A 368 -38.13 11.33 7.78
C GLU A 368 -36.62 11.13 7.71
N VAL A 369 -36.21 9.95 7.22
CA VAL A 369 -34.81 9.62 6.97
C VAL A 369 -34.70 9.08 5.55
N TYR A 370 -33.58 9.39 4.89
CA TYR A 370 -33.19 8.73 3.64
C TYR A 370 -31.79 8.15 3.79
N ILE A 371 -31.51 6.97 3.24
CA ILE A 371 -30.11 6.63 2.95
C ILE A 371 -29.81 7.38 1.64
N THR A 372 -29.03 8.46 1.77
CA THR A 372 -28.67 9.33 0.62
C THR A 372 -27.42 8.81 -0.15
N GLU A 373 -26.70 7.84 0.42
CA GLU A 373 -25.58 7.15 -0.23
C GLU A 373 -25.29 5.81 0.43
N ASN A 374 -25.08 4.78 -0.38
CA ASN A 374 -24.61 3.45 0.06
C ASN A 374 -24.03 2.80 -1.17
N GLY A 375 -22.91 2.11 -1.02
CA GLY A 375 -22.26 1.57 -2.19
C GLY A 375 -20.87 1.07 -1.94
N ALA A 376 -20.18 0.67 -2.98
CA ALA A 376 -18.92 -0.03 -2.85
C ALA A 376 -18.00 0.18 -4.04
N ALA A 377 -16.71 0.29 -3.76
CA ALA A 377 -15.70 0.30 -4.81
C ALA A 377 -15.06 -1.09 -4.93
N PHE A 378 -15.08 -1.64 -6.14
CA PHE A 378 -14.36 -2.86 -6.46
C PHE A 378 -13.59 -2.66 -7.75
N ASP A 379 -12.60 -3.54 -7.98
CA ASP A 379 -11.79 -3.50 -9.20
C ASP A 379 -12.57 -4.10 -10.32
N ASP A 380 -13.40 -3.29 -10.97
CA ASP A 380 -14.25 -3.77 -12.06
C ASP A 380 -13.44 -3.91 -13.34
N VAL A 381 -13.71 -4.99 -14.06
CA VAL A 381 -13.11 -5.25 -15.36
C VAL A 381 -14.24 -5.55 -16.34
N VAL A 382 -14.13 -5.02 -17.55
CA VAL A 382 -14.97 -5.44 -18.66
C VAL A 382 -14.48 -6.83 -19.14
N SER A 383 -15.37 -7.81 -19.06
CA SER A 383 -15.09 -9.15 -19.55
C SER A 383 -15.06 -9.17 -21.06
N GLU A 384 -14.63 -10.31 -21.58
CA GLU A 384 -14.53 -10.57 -23.02
C GLU A 384 -15.93 -10.61 -23.60
N ASP A 385 -16.89 -11.02 -22.77
CA ASP A 385 -18.31 -10.98 -23.14
C ASP A 385 -18.97 -9.59 -23.18
N GLY A 386 -18.20 -8.56 -22.83
CA GLY A 386 -18.65 -7.17 -22.92
C GLY A 386 -19.41 -6.66 -21.71
N ARG A 387 -19.41 -7.46 -20.65
CA ARG A 387 -20.17 -7.23 -19.42
C ARG A 387 -19.27 -7.01 -18.18
N VAL A 388 -19.80 -6.32 -17.17
CA VAL A 388 -19.09 -6.16 -15.91
C VAL A 388 -19.77 -7.01 -14.83
N HIS A 389 -19.14 -8.13 -14.48
CA HIS A 389 -19.71 -9.09 -13.55
C HIS A 389 -19.31 -8.76 -12.13
N ASP A 390 -19.89 -7.68 -11.61
CA ASP A 390 -19.58 -7.24 -10.25
C ASP A 390 -20.51 -7.86 -9.21
N GLN A 391 -20.41 -9.17 -9.11
CA GLN A 391 -21.13 -9.97 -8.15
C GLN A 391 -20.83 -9.49 -6.75
N ASN A 392 -19.59 -9.04 -6.53
CA ASN A 392 -19.18 -8.48 -5.24
C ASN A 392 -19.96 -7.22 -4.80
N ARG A 393 -20.36 -6.39 -5.77
CA ARG A 393 -21.19 -5.20 -5.51
C ARG A 393 -22.67 -5.54 -5.36
N ILE A 394 -23.17 -6.48 -6.17
CA ILE A 394 -24.52 -7.01 -6.02
C ILE A 394 -24.68 -7.52 -4.61
N ASP A 395 -23.73 -8.36 -4.17
CA ASP A 395 -23.75 -8.90 -2.81
C ASP A 395 -23.76 -7.79 -1.78
N TYR A 396 -22.98 -6.74 -2.05
CA TYR A 396 -22.86 -5.64 -1.11
C TYR A 396 -24.20 -4.89 -1.00
N LEU A 397 -24.77 -4.50 -2.13
CA LEU A 397 -26.01 -3.74 -2.14
C LEU A 397 -27.16 -4.53 -1.50
N LYS A 398 -27.29 -5.79 -1.92
CA LYS A 398 -28.34 -6.70 -1.48
C LYS A 398 -28.34 -6.85 0.04
N ALA A 399 -27.17 -7.11 0.61
CA ALA A 399 -27.06 -7.19 2.07
C ALA A 399 -27.48 -5.92 2.82
N HIS A 400 -27.09 -4.74 2.32
CA HIS A 400 -27.41 -3.47 2.99
C HIS A 400 -28.86 -3.05 2.78
N ILE A 401 -29.37 -3.23 1.55
CA ILE A 401 -30.79 -3.02 1.27
C ILE A 401 -31.68 -3.90 2.17
N GLY A 402 -31.24 -5.12 2.42
CA GLY A 402 -31.88 -6.03 3.37
C GLY A 402 -31.92 -5.50 4.79
N GLN A 403 -30.80 -4.91 5.23
CA GLN A 403 -30.74 -4.31 6.56
C GLN A 403 -31.57 -3.04 6.65
N ALA A 404 -31.62 -2.29 5.57
CA ALA A 404 -32.46 -1.09 5.54
C ALA A 404 -33.95 -1.50 5.61
N TRP A 405 -34.32 -2.56 4.89
CA TRP A 405 -35.67 -3.11 4.98
C TRP A 405 -36.01 -3.48 6.43
N LYS A 406 -35.06 -4.15 7.09
CA LYS A 406 -35.24 -4.54 8.49
C LYS A 406 -35.55 -3.34 9.40
N ALA A 407 -34.77 -2.28 9.25
CA ALA A 407 -34.99 -1.01 9.96
C ALA A 407 -36.40 -0.45 9.76
N ILE A 408 -36.89 -0.52 8.53
CA ILE A 408 -38.25 -0.10 8.22
C ILE A 408 -39.29 -0.96 8.94
N GLN A 409 -39.08 -2.27 8.98
CA GLN A 409 -40.00 -3.18 9.66
C GLN A 409 -40.08 -2.87 11.16
N GLU A 410 -39.02 -2.30 11.73
CA GLU A 410 -39.02 -1.91 13.15
C GLU A 410 -39.33 -0.43 13.38
N GLY A 411 -39.91 0.21 12.37
CA GLY A 411 -40.49 1.54 12.54
C GLY A 411 -39.66 2.79 12.17
N VAL A 412 -38.46 2.60 11.60
CA VAL A 412 -37.67 3.78 11.20
C VAL A 412 -38.36 4.39 10.00
N PRO A 413 -38.61 5.70 10.01
CA PRO A 413 -39.33 6.35 8.91
C PRO A 413 -38.43 6.58 7.66
N LEU A 414 -37.80 5.51 7.18
CA LEU A 414 -36.98 5.53 5.98
C LEU A 414 -37.81 5.66 4.66
N LYS A 415 -37.61 6.75 3.94
CA LYS A 415 -38.45 7.06 2.76
C LYS A 415 -37.76 6.83 1.43
N GLY A 416 -36.46 6.57 1.45
CA GLY A 416 -35.73 6.39 0.21
C GLY A 416 -34.36 5.81 0.42
N TYR A 417 -33.76 5.38 -0.67
CA TYR A 417 -32.45 4.72 -0.69
C TYR A 417 -31.73 5.08 -1.99
N PHE A 418 -30.52 5.65 -1.89
CA PHE A 418 -29.74 6.11 -3.05
C PHE A 418 -28.41 5.34 -3.17
N VAL A 419 -28.20 4.70 -4.30
CA VAL A 419 -26.92 4.03 -4.53
C VAL A 419 -25.85 5.09 -4.89
N TRP A 420 -24.74 5.06 -4.19
CA TRP A 420 -23.53 5.76 -4.69
C TRP A 420 -22.73 4.73 -5.46
N SER A 421 -22.55 4.87 -6.78
CA SER A 421 -23.00 6.01 -7.60
C SER A 421 -23.66 5.52 -8.90
N LEU A 422 -24.39 6.38 -9.58
CA LEU A 422 -24.75 6.07 -10.96
C LEU A 422 -23.48 5.63 -11.79
N LEU A 423 -22.42 6.45 -11.73
CA LEU A 423 -21.26 6.29 -12.62
C LEU A 423 -19.98 6.10 -11.83
N ASP A 424 -19.05 5.31 -12.36
CA ASP A 424 -17.67 5.38 -11.88
C ASP A 424 -17.26 6.86 -12.07
N ASN A 425 -16.49 7.42 -11.15
CA ASN A 425 -16.21 8.86 -11.24
C ASN A 425 -14.90 9.30 -10.54
N PHE A 426 -14.65 10.62 -10.44
CA PHE A 426 -13.43 11.14 -9.78
C PHE A 426 -13.57 10.94 -8.27
N GLU A 427 -12.85 9.99 -7.72
CA GLU A 427 -12.96 9.73 -6.27
C GLU A 427 -12.01 10.59 -5.40
N TRP A 428 -12.15 11.91 -5.53
CA TRP A 428 -11.44 12.85 -4.66
C TRP A 428 -9.91 12.61 -4.66
N ALA A 429 -9.27 12.46 -3.51
CA ALA A 429 -7.80 12.32 -3.49
C ALA A 429 -7.33 10.97 -4.06
N GLU A 430 -8.27 10.03 -4.25
CA GLU A 430 -7.95 8.75 -4.92
C GLU A 430 -8.03 8.84 -6.44
N GLY A 431 -8.54 9.96 -6.97
CA GLY A 431 -8.71 10.11 -8.42
C GLY A 431 -9.58 9.02 -9.07
N TYR A 432 -9.27 8.64 -10.31
CA TYR A 432 -10.11 7.69 -11.05
C TYR A 432 -9.87 6.22 -10.71
N SER A 433 -9.05 5.96 -9.71
CA SER A 433 -8.59 4.63 -9.41
C SER A 433 -9.61 3.81 -8.61
N LYS A 434 -10.63 4.48 -8.06
CA LYS A 434 -11.70 3.81 -7.33
C LYS A 434 -13.03 3.94 -8.04
N ARG A 435 -13.63 2.78 -8.35
CA ARG A 435 -14.85 2.75 -9.14
C ARG A 435 -16.04 2.38 -8.27
N PHE A 436 -16.95 3.35 -8.07
CA PHE A 436 -18.17 3.10 -7.27
C PHE A 436 -19.43 2.89 -8.12
N GLY A 437 -19.37 3.05 -9.44
CA GLY A 437 -20.58 3.07 -10.25
C GLY A 437 -21.34 1.74 -10.31
N ILE A 438 -22.64 1.81 -10.63
CA ILE A 438 -23.37 0.65 -11.11
C ILE A 438 -23.35 0.68 -12.65
N VAL A 439 -22.76 1.75 -13.18
CA VAL A 439 -22.46 1.87 -14.58
C VAL A 439 -20.95 2.14 -14.71
N TYR A 440 -20.29 1.35 -15.54
CA TYR A 440 -18.86 1.48 -15.74
C TYR A 440 -18.59 2.56 -16.75
N VAL A 441 -17.54 3.33 -16.53
CA VAL A 441 -17.12 4.34 -17.48
C VAL A 441 -15.71 4.00 -17.98
N ASP A 442 -15.60 3.87 -19.30
CA ASP A 442 -14.32 3.70 -19.96
C ASP A 442 -13.86 5.10 -20.26
N TYR A 443 -12.89 5.54 -19.49
CA TYR A 443 -12.44 6.93 -19.54
C TYR A 443 -11.81 7.29 -20.89
N SER A 444 -11.21 6.30 -21.58
CA SER A 444 -10.58 6.56 -22.89
C SER A 444 -11.58 6.91 -24.00
N THR A 445 -12.80 6.41 -23.91
CA THR A 445 -13.84 6.68 -24.91
C THR A 445 -15.08 7.39 -24.38
N GLN A 446 -15.27 7.34 -23.06
CA GLN A 446 -16.48 7.80 -22.35
C GLN A 446 -17.67 6.87 -22.55
N LYS A 447 -17.40 5.63 -22.89
CA LYS A 447 -18.44 4.63 -23.06
C LYS A 447 -19.00 4.29 -21.68
N ARG A 448 -20.32 4.17 -21.60
CA ARG A 448 -20.98 3.68 -20.39
C ARG A 448 -21.31 2.19 -20.57
N ILE A 449 -20.99 1.38 -19.57
CA ILE A 449 -21.37 -0.02 -19.58
C ILE A 449 -22.11 -0.32 -18.30
N VAL A 450 -23.43 -0.57 -18.42
CA VAL A 450 -24.21 -0.93 -17.25
C VAL A 450 -23.63 -2.22 -16.69
N LYS A 451 -23.35 -2.18 -15.39
CA LYS A 451 -22.80 -3.32 -14.70
C LYS A 451 -23.92 -4.31 -14.29
N ASP A 452 -23.53 -5.56 -13.99
CA ASP A 452 -24.50 -6.52 -13.50
C ASP A 452 -25.26 -5.91 -12.33
N SER A 453 -24.55 -5.18 -11.47
CA SER A 453 -25.19 -4.52 -10.30
C SER A 453 -26.25 -3.52 -10.70
N GLY A 454 -26.03 -2.81 -11.80
CA GLY A 454 -27.02 -1.91 -12.37
C GLY A 454 -28.29 -2.61 -12.88
N TYR A 455 -28.14 -3.79 -13.51
CA TYR A 455 -29.30 -4.56 -13.98
C TYR A 455 -30.05 -5.12 -12.78
N TRP A 456 -29.27 -5.61 -11.83
CA TRP A 456 -29.80 -6.14 -10.60
C TRP A 456 -30.62 -5.08 -9.83
N TYR A 457 -30.04 -3.88 -9.70
CA TYR A 457 -30.70 -2.79 -8.97
C TYR A 457 -31.96 -2.41 -9.71
N SER A 458 -31.89 -2.40 -11.04
CA SER A 458 -33.02 -2.10 -11.88
C SER A 458 -34.21 -3.00 -11.63
N ASN A 459 -33.90 -4.27 -11.34
CA ASN A 459 -34.91 -5.25 -10.99
C ASN A 459 -35.51 -4.99 -9.60
N VAL A 460 -34.68 -4.64 -8.62
CA VAL A 460 -35.25 -4.36 -7.30
C VAL A 460 -36.11 -3.08 -7.26
N VAL A 461 -35.80 -2.09 -8.08
CA VAL A 461 -36.65 -0.90 -8.17
C VAL A 461 -38.02 -1.29 -8.77
N LYS A 462 -38.00 -1.98 -9.92
CA LYS A 462 -39.22 -2.54 -10.51
C LYS A 462 -40.10 -3.33 -9.49
N ASN A 463 -39.48 -4.23 -8.72
CA ASN A 463 -40.18 -5.04 -7.71
C ASN A 463 -40.45 -4.33 -6.39
N ASN A 464 -39.93 -3.11 -6.26
CA ASN A 464 -39.97 -2.36 -5.01
C ASN A 464 -39.44 -3.15 -3.78
N GLY A 465 -38.36 -3.91 -3.99
CA GLY A 465 -37.67 -4.60 -2.91
C GLY A 465 -36.90 -5.85 -3.35
N LEU A 466 -36.47 -6.66 -2.38
CA LEU A 466 -35.65 -7.84 -2.63
C LEU A 466 -36.46 -9.12 -2.93
N GLU A 467 -35.85 -10.06 -3.62
CA GLU A 467 -36.54 -11.34 -3.87
C GLU A 467 -35.65 -12.51 -4.09
N ASP A 468 -35.43 -13.19 -2.96
CA ASP A 468 -34.36 -14.15 -2.69
C ASP A 468 -33.07 -13.41 -2.28
N ASN B 24 -6.25 0.25 0.88
CA ASN B 24 -5.59 0.72 2.13
C ASN B 24 -4.06 0.92 1.94
N VAL B 25 -3.59 2.13 2.17
CA VAL B 25 -2.20 2.54 1.93
C VAL B 25 -1.21 2.09 3.02
N LYS B 26 -0.03 1.69 2.57
CA LYS B 26 1.07 1.33 3.47
C LYS B 26 2.33 2.09 3.02
N LYS B 27 2.51 3.27 3.61
CA LYS B 27 3.59 4.18 3.25
C LYS B 27 4.78 3.90 4.16
N PHE B 28 5.98 3.94 3.60
CA PHE B 28 7.20 3.64 4.38
C PHE B 28 7.84 4.94 4.85
N PRO B 29 8.74 4.87 5.84
CA PRO B 29 9.45 6.05 6.35
C PRO B 29 10.21 6.82 5.28
N GLU B 30 10.44 8.10 5.54
CA GLU B 30 11.12 8.97 4.57
C GLU B 30 12.53 8.41 4.38
N GLY B 31 12.97 8.33 3.12
CA GLY B 31 14.32 7.91 2.83
C GLY B 31 14.54 6.40 2.87
N PHE B 32 13.47 5.64 3.10
CA PHE B 32 13.51 4.19 2.90
C PHE B 32 14.14 3.82 1.55
N LEU B 33 15.09 2.90 1.58
CA LEU B 33 15.83 2.53 0.39
C LEU B 33 15.18 1.35 -0.36
N TRP B 34 14.75 1.62 -1.58
CA TRP B 34 14.18 0.60 -2.44
C TRP B 34 15.27 0.16 -3.39
N GLY B 35 15.58 -1.13 -3.40
CA GLY B 35 16.68 -1.59 -4.22
C GLY B 35 16.32 -2.77 -5.06
N VAL B 36 17.26 -3.14 -5.94
CA VAL B 36 17.28 -4.44 -6.59
C VAL B 36 18.70 -4.99 -6.35
N ALA B 37 18.85 -6.31 -6.45
CA ALA B 37 20.13 -6.97 -6.13
C ALA B 37 20.52 -8.00 -7.19
N THR B 38 21.82 -8.09 -7.45
CA THR B 38 22.37 -9.16 -8.29
C THR B 38 23.64 -9.71 -7.61
N ALA B 39 24.25 -10.69 -8.28
CA ALA B 39 25.59 -11.19 -7.91
C ALA B 39 26.40 -11.36 -9.19
N SER B 40 27.71 -11.08 -9.08
CA SER B 40 28.64 -11.04 -10.19
C SER B 40 28.63 -12.29 -11.07
N TYR B 41 28.84 -13.46 -10.46
CA TYR B 41 28.91 -14.66 -11.26
C TYR B 41 27.55 -14.98 -11.93
N GLN B 42 26.46 -14.53 -11.32
CA GLN B 42 25.14 -14.92 -11.84
C GLN B 42 24.73 -14.15 -13.11
N ILE B 43 25.32 -12.97 -13.32
CA ILE B 43 24.87 -12.07 -14.39
C ILE B 43 25.91 -11.70 -15.41
N GLU B 44 27.17 -11.67 -15.01
CA GLU B 44 28.26 -11.08 -15.80
C GLU B 44 28.68 -11.77 -17.10
N GLY B 45 28.97 -13.08 -17.03
CA GLY B 45 29.63 -13.78 -18.12
C GLY B 45 31.06 -13.29 -18.30
N SER B 46 31.71 -13.68 -19.39
CA SER B 46 33.14 -13.41 -19.57
C SER B 46 34.00 -13.57 -18.29
N PRO B 47 33.91 -14.73 -17.63
CA PRO B 47 34.63 -14.92 -16.36
C PRO B 47 36.16 -14.87 -16.52
N LEU B 48 36.67 -15.24 -17.69
CA LEU B 48 38.09 -15.14 -17.99
C LEU B 48 38.55 -13.89 -18.78
N ALA B 49 37.63 -13.01 -19.14
CA ALA B 49 38.00 -11.77 -19.84
C ALA B 49 38.99 -10.88 -19.08
N ASP B 50 39.85 -10.19 -19.82
CA ASP B 50 40.66 -9.07 -19.27
C ASP B 50 41.54 -9.43 -18.08
N GLY B 51 42.16 -10.60 -18.15
CA GLY B 51 43.16 -11.00 -17.18
C GLY B 51 42.62 -11.56 -15.86
N ALA B 52 41.33 -11.86 -15.82
CA ALA B 52 40.64 -12.34 -14.62
C ALA B 52 41.04 -13.81 -14.34
N GLY B 53 41.30 -14.15 -13.07
CA GLY B 53 41.60 -15.54 -12.71
C GLY B 53 40.30 -16.34 -12.66
N MET B 54 40.43 -17.65 -12.70
CA MET B 54 39.26 -18.52 -12.53
C MET B 54 38.72 -18.39 -11.11
N SER B 55 37.41 -18.51 -10.97
CA SER B 55 36.77 -18.70 -9.67
C SER B 55 36.46 -20.18 -9.45
N ILE B 56 36.07 -20.53 -8.22
CA ILE B 56 35.61 -21.89 -7.95
C ILE B 56 34.30 -22.19 -8.64
N TRP B 57 33.52 -21.17 -8.98
CA TRP B 57 32.27 -21.45 -9.72
C TRP B 57 32.47 -21.74 -11.21
N HIS B 58 33.54 -21.21 -11.80
CA HIS B 58 33.94 -21.57 -13.18
C HIS B 58 34.32 -23.07 -13.21
N THR B 59 35.24 -23.50 -12.36
CA THR B 59 35.67 -24.89 -12.35
C THR B 59 34.58 -25.85 -11.94
N PHE B 60 33.78 -25.46 -10.95
CA PHE B 60 32.66 -26.30 -10.52
C PHE B 60 31.58 -26.44 -11.60
N SER B 61 31.14 -25.35 -12.21
CA SER B 61 30.10 -25.50 -13.26
C SER B 61 30.61 -26.22 -14.51
N HIS B 62 31.90 -26.06 -14.81
CA HIS B 62 32.56 -26.80 -15.89
C HIS B 62 32.94 -28.25 -15.52
N THR B 63 32.53 -28.70 -14.33
CA THR B 63 32.67 -30.11 -13.98
C THR B 63 31.36 -30.76 -14.33
N PRO B 64 31.37 -31.84 -15.12
CA PRO B 64 30.13 -32.48 -15.52
C PRO B 64 29.36 -33.04 -14.33
N GLY B 65 28.05 -32.80 -14.31
CA GLY B 65 27.21 -33.36 -13.26
C GLY B 65 26.92 -32.43 -12.09
N ASN B 66 27.55 -31.27 -12.06
CA ASN B 66 27.40 -30.36 -10.94
C ASN B 66 26.19 -29.42 -11.09
N VAL B 67 25.86 -29.03 -12.33
CA VAL B 67 24.80 -28.04 -12.60
C VAL B 67 23.81 -28.57 -13.65
N LYS B 68 22.52 -28.34 -13.42
CA LYS B 68 21.45 -28.73 -14.33
C LYS B 68 21.81 -28.32 -15.77
N ASN B 69 21.61 -29.24 -16.72
CA ASN B 69 21.81 -29.00 -18.17
C ASN B 69 23.24 -28.59 -18.52
N GLY B 70 24.18 -28.80 -17.59
CA GLY B 70 25.55 -28.37 -17.81
C GLY B 70 25.70 -26.88 -17.98
N ASP B 71 24.78 -26.08 -17.43
CA ASP B 71 24.90 -24.63 -17.56
C ASP B 71 26.14 -24.14 -16.82
N THR B 72 26.69 -23.01 -17.27
CA THR B 72 27.80 -22.38 -16.61
C THR B 72 27.51 -20.88 -16.64
N GLY B 73 28.37 -20.09 -16.00
CA GLY B 73 28.29 -18.64 -16.05
C GLY B 73 29.22 -18.03 -17.08
N ASP B 74 29.64 -18.82 -18.07
CA ASP B 74 30.42 -18.33 -19.22
C ASP B 74 29.82 -17.08 -19.87
N VAL B 75 28.50 -17.11 -20.05
CA VAL B 75 27.80 -16.03 -20.76
C VAL B 75 26.81 -15.34 -19.84
N ALA B 76 26.00 -16.13 -19.14
CA ALA B 76 24.98 -15.57 -18.24
C ALA B 76 24.16 -14.45 -18.93
N CYS B 77 24.17 -13.24 -18.35
CA CYS B 77 23.31 -12.16 -18.85
C CYS B 77 24.18 -11.23 -19.69
N ASP B 78 25.42 -11.65 -19.94
CA ASP B 78 26.43 -10.80 -20.57
C ASP B 78 26.43 -9.36 -20.05
N HIS B 79 26.29 -9.22 -18.73
CA HIS B 79 26.30 -7.89 -18.08
C HIS B 79 27.71 -7.35 -18.04
N TYR B 80 28.71 -8.20 -18.24
CA TYR B 80 30.07 -7.69 -18.41
C TYR B 80 30.14 -6.71 -19.61
N ASN B 81 29.27 -6.91 -20.60
CA ASN B 81 29.17 -5.97 -21.74
C ASN B 81 27.96 -5.02 -21.69
N ARG B 82 26.86 -5.49 -21.13
CA ARG B 82 25.58 -4.80 -21.23
C ARG B 82 25.26 -4.02 -19.97
N TRP B 83 26.28 -3.79 -19.15
CA TRP B 83 26.06 -3.19 -17.86
C TRP B 83 25.34 -1.83 -17.93
N LYS B 84 25.70 -0.99 -18.92
CA LYS B 84 25.17 0.38 -19.05
C LYS B 84 23.68 0.36 -19.24
N GLU B 85 23.18 -0.51 -20.12
CA GLU B 85 21.74 -0.64 -20.34
C GLU B 85 21.05 -1.14 -19.09
N ASP B 86 21.72 -2.04 -18.38
CA ASP B 86 21.18 -2.61 -17.16
C ASP B 86 20.94 -1.53 -16.10
N ILE B 87 21.92 -0.67 -15.90
CA ILE B 87 21.79 0.45 -14.97
C ILE B 87 20.68 1.37 -15.48
N GLU B 88 20.73 1.73 -16.76
CA GLU B 88 19.63 2.46 -17.40
C GLU B 88 18.25 1.91 -17.05
N ILE B 89 18.07 0.58 -17.10
CA ILE B 89 16.81 0.00 -16.66
C ILE B 89 16.53 0.38 -15.21
N ILE B 90 17.54 0.28 -14.36
CA ILE B 90 17.31 0.62 -12.96
C ILE B 90 16.81 2.06 -12.91
N GLU B 91 17.52 2.97 -13.57
CA GLU B 91 17.16 4.40 -13.51
C GLU B 91 15.73 4.68 -14.05
N LYS B 92 15.44 4.17 -15.25
CA LYS B 92 14.11 4.17 -15.83
C LYS B 92 12.98 3.64 -14.92
N LEU B 93 13.26 2.63 -14.09
CA LEU B 93 12.23 2.15 -13.16
C LEU B 93 12.24 2.96 -11.87
N GLY B 94 13.23 3.84 -11.73
CA GLY B 94 13.28 4.69 -10.56
C GLY B 94 13.80 4.06 -9.27
N VAL B 95 14.30 2.81 -9.32
CA VAL B 95 14.78 2.19 -8.07
C VAL B 95 16.01 2.95 -7.57
N LYS B 96 16.12 3.12 -6.25
CA LYS B 96 17.11 4.01 -5.66
C LYS B 96 18.44 3.36 -5.23
N ALA B 97 18.42 2.03 -5.08
CA ALA B 97 19.63 1.28 -4.66
C ALA B 97 19.89 0.09 -5.54
N TYR B 98 21.17 -0.14 -5.79
CA TYR B 98 21.61 -1.34 -6.51
C TYR B 98 22.56 -2.14 -5.61
N ARG B 99 22.15 -3.34 -5.24
CA ARG B 99 23.05 -4.24 -4.51
C ARG B 99 23.74 -5.14 -5.52
N PHE B 100 25.06 -5.04 -5.64
CA PHE B 100 25.81 -5.92 -6.59
C PHE B 100 27.12 -6.45 -5.98
N SER B 101 27.67 -7.53 -6.53
CA SER B 101 28.92 -8.02 -5.95
C SER B 101 30.09 -7.86 -6.85
N ILE B 102 31.26 -7.90 -6.24
CA ILE B 102 32.52 -7.90 -6.96
C ILE B 102 33.06 -9.31 -7.06
N SER B 103 33.56 -9.65 -8.25
CA SER B 103 34.25 -10.91 -8.50
C SER B 103 35.66 -10.75 -7.98
N TRP B 104 35.97 -11.39 -6.85
CA TRP B 104 37.32 -11.38 -6.29
C TRP B 104 38.42 -11.67 -7.33
N PRO B 105 38.27 -12.73 -8.11
CA PRO B 105 39.33 -13.07 -9.08
C PRO B 105 39.38 -12.14 -10.35
N ARG B 106 38.46 -11.19 -10.52
CA ARG B 106 38.67 -10.15 -11.57
C ARG B 106 39.66 -9.13 -11.08
N ILE B 107 39.73 -8.99 -9.77
CA ILE B 107 40.53 -7.98 -9.08
C ILE B 107 41.91 -8.51 -8.67
N LEU B 108 41.92 -9.70 -8.08
CA LEU B 108 43.19 -10.31 -7.72
C LEU B 108 43.10 -11.68 -8.24
N PRO B 109 43.61 -11.88 -9.46
CA PRO B 109 43.46 -13.15 -10.17
C PRO B 109 44.04 -14.32 -9.43
N GLU B 110 45.07 -14.11 -8.61
CA GLU B 110 45.72 -15.15 -7.83
C GLU B 110 45.19 -15.15 -6.41
N GLY B 111 44.17 -14.34 -6.18
CA GLY B 111 43.56 -14.22 -4.86
C GLY B 111 44.27 -13.23 -3.97
N THR B 112 45.61 -13.27 -3.94
CA THR B 112 46.45 -12.29 -3.26
C THR B 112 47.46 -11.70 -4.25
N GLY B 113 48.11 -10.60 -3.87
CA GLY B 113 49.26 -10.11 -4.64
C GLY B 113 48.87 -9.13 -5.75
N ARG B 114 49.01 -9.56 -7.00
CA ARG B 114 48.82 -8.64 -8.12
C ARG B 114 47.36 -8.20 -8.35
N VAL B 115 47.15 -6.88 -8.35
CA VAL B 115 45.84 -6.27 -8.65
C VAL B 115 45.63 -6.11 -10.15
N ASN B 116 44.49 -6.51 -10.66
CA ASN B 116 44.18 -6.40 -12.08
C ASN B 116 43.40 -5.08 -12.36
N GLN B 117 44.10 -4.14 -13.01
CA GLN B 117 43.59 -2.78 -13.29
C GLN B 117 42.27 -2.84 -14.07
N LYS B 118 42.24 -3.70 -15.06
CA LYS B 118 41.05 -3.83 -15.88
C LYS B 118 39.83 -4.25 -15.05
N GLY B 119 40.05 -4.92 -13.92
CA GLY B 119 38.95 -5.38 -13.08
C GLY B 119 38.43 -4.24 -12.25
N LEU B 120 39.34 -3.44 -11.72
CA LEU B 120 38.96 -2.20 -11.07
C LEU B 120 38.22 -1.25 -12.04
N ASP B 121 38.68 -1.20 -13.28
CA ASP B 121 38.07 -0.35 -14.31
C ASP B 121 36.63 -0.73 -14.46
N PHE B 122 36.35 -2.02 -14.46
CA PHE B 122 35.02 -2.49 -14.81
C PHE B 122 34.04 -2.07 -13.77
N TYR B 123 34.46 -2.16 -12.51
CA TYR B 123 33.55 -1.84 -11.43
C TYR B 123 33.48 -0.33 -11.20
N ASN B 124 34.61 0.35 -11.42
CA ASN B 124 34.64 1.82 -11.30
C ASN B 124 33.63 2.47 -12.24
N ARG B 125 33.54 2.00 -13.49
CA ARG B 125 32.53 2.52 -14.42
C ARG B 125 31.10 2.29 -13.92
N ILE B 126 30.82 1.11 -13.36
CA ILE B 126 29.49 0.82 -12.82
C ILE B 126 29.16 1.77 -11.67
N ILE B 127 30.12 1.93 -10.77
CA ILE B 127 29.96 2.77 -9.59
C ILE B 127 29.68 4.22 -10.02
N ASP B 128 30.53 4.75 -10.91
CA ASP B 128 30.39 6.12 -11.43
C ASP B 128 29.06 6.36 -12.13
N THR B 129 28.61 5.38 -12.92
CA THR B 129 27.34 5.46 -13.65
C THR B 129 26.13 5.48 -12.71
N LEU B 130 26.21 4.74 -11.60
CA LEU B 130 25.10 4.70 -10.65
C LEU B 130 25.03 6.00 -9.86
N LEU B 131 26.18 6.54 -9.48
CA LEU B 131 26.25 7.79 -8.75
C LEU B 131 25.63 8.91 -9.64
N GLU B 132 26.15 8.98 -10.87
CA GLU B 132 25.68 9.87 -11.94
C GLU B 132 24.16 9.92 -12.02
N LYS B 133 23.51 8.77 -11.88
CA LYS B 133 22.07 8.67 -12.00
C LYS B 133 21.32 8.65 -10.68
N GLY B 134 22.00 9.01 -9.60
CA GLY B 134 21.39 9.01 -8.27
C GLY B 134 20.98 7.65 -7.70
N ILE B 135 21.55 6.55 -8.24
CA ILE B 135 21.36 5.20 -7.65
C ILE B 135 22.46 4.90 -6.62
N THR B 136 22.06 4.52 -5.40
CA THR B 136 22.98 4.23 -4.31
C THR B 136 23.53 2.77 -4.34
N PRO B 137 24.84 2.62 -4.54
CA PRO B 137 25.47 1.28 -4.62
C PRO B 137 25.60 0.58 -3.24
N PHE B 138 25.12 -0.65 -3.14
CA PHE B 138 25.45 -1.48 -1.96
C PHE B 138 26.32 -2.60 -2.50
N VAL B 139 27.60 -2.67 -2.11
CA VAL B 139 28.52 -3.65 -2.67
C VAL B 139 28.69 -4.87 -1.76
N THR B 140 28.36 -6.04 -2.31
CA THR B 140 28.70 -7.32 -1.68
C THR B 140 30.13 -7.69 -2.03
N ILE B 141 30.98 -7.75 -1.03
CA ILE B 141 32.41 -8.06 -1.27
C ILE B 141 32.56 -9.53 -1.75
N TYR B 142 31.85 -10.44 -1.09
CA TYR B 142 31.92 -11.86 -1.43
C TYR B 142 30.57 -12.47 -1.61
N HIS B 143 30.30 -12.87 -2.85
CA HIS B 143 29.04 -13.58 -3.14
C HIS B 143 29.40 -14.85 -3.92
N TRP B 144 30.39 -15.59 -3.37
CA TRP B 144 30.62 -17.02 -3.64
C TRP B 144 31.65 -17.34 -4.71
N ASP B 145 32.10 -16.35 -5.48
CA ASP B 145 33.12 -16.66 -6.50
C ASP B 145 34.56 -16.53 -6.01
N LEU B 146 34.92 -17.39 -5.08
CA LEU B 146 36.30 -17.43 -4.57
C LEU B 146 37.24 -17.70 -5.73
N PRO B 147 38.40 -17.06 -5.75
CA PRO B 147 39.45 -17.39 -6.71
C PRO B 147 39.87 -18.86 -6.55
N PHE B 148 39.90 -19.59 -7.68
CA PHE B 148 40.34 -20.94 -7.75
C PHE B 148 41.72 -21.09 -7.12
N ALA B 149 42.62 -20.15 -7.37
CA ALA B 149 43.96 -20.18 -6.75
C ALA B 149 43.93 -20.32 -5.24
N LEU B 150 42.89 -19.76 -4.62
CA LEU B 150 42.82 -19.80 -3.15
C LEU B 150 42.14 -21.11 -2.71
N GLN B 151 41.25 -21.64 -3.54
CA GLN B 151 40.74 -23.00 -3.33
C GLN B 151 41.86 -24.05 -3.31
N LEU B 152 42.83 -23.93 -4.23
CA LEU B 152 43.99 -24.81 -4.24
C LEU B 152 44.73 -24.82 -2.92
N LYS B 153 44.60 -23.72 -2.16
CA LYS B 153 45.19 -23.67 -0.82
C LYS B 153 44.18 -23.94 0.32
N GLY B 154 43.05 -24.53 -0.01
CA GLY B 154 42.07 -24.94 1.00
C GLY B 154 40.88 -24.00 1.10
N GLY B 155 41.01 -22.79 0.57
CA GLY B 155 39.86 -21.89 0.49
C GLY B 155 39.35 -21.57 1.87
N TRP B 156 38.05 -21.80 2.10
CA TRP B 156 37.46 -21.41 3.39
C TRP B 156 37.88 -22.29 4.55
N ALA B 157 38.47 -23.44 4.25
CA ALA B 157 38.98 -24.38 5.25
C ALA B 157 40.27 -23.86 5.89
N ASN B 158 41.01 -23.01 5.18
CA ASN B 158 42.30 -22.53 5.64
C ASN B 158 42.18 -21.28 6.50
N ARG B 159 42.71 -21.33 7.71
CA ARG B 159 42.68 -20.19 8.64
C ARG B 159 43.23 -18.92 8.01
N GLU B 160 44.17 -19.12 7.08
CA GLU B 160 44.82 -18.00 6.40
C GLU B 160 43.89 -17.18 5.52
N ILE B 161 42.72 -17.71 5.17
CA ILE B 161 41.76 -16.95 4.36
C ILE B 161 41.37 -15.64 5.08
N ALA B 162 41.49 -15.60 6.39
CA ALA B 162 41.17 -14.38 7.13
C ALA B 162 42.09 -13.21 6.68
N ASP B 163 43.36 -13.53 6.41
CA ASP B 163 44.33 -12.60 5.81
C ASP B 163 44.08 -12.32 4.36
N TRP B 164 43.80 -13.35 3.57
CA TRP B 164 43.54 -13.15 2.16
C TRP B 164 42.34 -12.23 1.98
N PHE B 165 41.32 -12.40 2.80
CA PHE B 165 40.07 -11.69 2.67
C PHE B 165 40.26 -10.23 3.04
N ALA B 166 40.99 -10.01 4.12
CA ALA B 166 41.41 -8.69 4.57
C ALA B 166 42.15 -7.91 3.46
N GLU B 167 43.11 -8.56 2.80
CA GLU B 167 43.89 -7.92 1.76
C GLU B 167 43.01 -7.54 0.58
N TYR B 168 42.14 -8.46 0.19
CA TYR B 168 41.13 -8.22 -0.83
C TYR B 168 40.20 -7.05 -0.47
N SER B 169 39.54 -7.13 0.69
CA SER B 169 38.66 -6.06 1.13
C SER B 169 39.36 -4.68 1.17
N ARG B 170 40.58 -4.64 1.68
CA ARG B 170 41.35 -3.42 1.71
C ARG B 170 41.51 -2.85 0.31
N VAL B 171 41.81 -3.69 -0.66
CA VAL B 171 41.94 -3.21 -2.02
C VAL B 171 40.62 -2.60 -2.51
N LEU B 172 39.50 -3.27 -2.26
CA LEU B 172 38.18 -2.71 -2.59
C LEU B 172 37.90 -1.37 -1.87
N PHE B 173 38.32 -1.26 -0.62
CA PHE B 173 38.03 -0.06 0.15
C PHE B 173 38.86 1.12 -0.35
N GLU B 174 40.12 0.84 -0.68
CA GLU B 174 41.05 1.90 -1.03
C GLU B 174 40.67 2.45 -2.39
N ASN B 175 40.17 1.58 -3.26
CA ASN B 175 39.87 1.93 -4.63
C ASN B 175 38.45 2.46 -4.85
N PHE B 176 37.50 1.99 -4.04
CA PHE B 176 36.09 2.31 -4.23
C PHE B 176 35.42 3.04 -3.08
N GLY B 177 36.08 3.09 -1.92
CA GLY B 177 35.46 3.60 -0.71
C GLY B 177 35.24 5.10 -0.71
N ASP B 178 35.87 5.78 -1.67
CA ASP B 178 35.65 7.23 -1.86
C ASP B 178 34.23 7.47 -2.36
N ARG B 179 33.67 6.51 -3.08
CA ARG B 179 32.32 6.65 -3.63
C ARG B 179 31.31 5.67 -3.04
N VAL B 180 31.70 4.40 -2.85
CA VAL B 180 30.75 3.45 -2.25
C VAL B 180 30.89 3.51 -0.73
N LYS B 181 29.77 3.64 -0.03
CA LYS B 181 29.75 3.90 1.41
C LYS B 181 28.89 2.86 2.11
N ASN B 182 28.30 1.95 1.33
CA ASN B 182 27.48 0.87 1.87
C ASN B 182 28.00 -0.50 1.43
N TRP B 183 28.48 -1.28 2.39
CA TRP B 183 29.29 -2.45 2.10
C TRP B 183 28.77 -3.67 2.83
N ILE B 184 28.88 -4.83 2.20
CA ILE B 184 28.51 -6.11 2.81
C ILE B 184 29.67 -7.09 2.68
N THR B 185 30.13 -7.67 3.77
CA THR B 185 31.33 -8.53 3.67
C THR B 185 30.99 -9.82 2.95
N LEU B 186 30.00 -10.52 3.48
CA LEU B 186 29.64 -11.83 2.99
C LEU B 186 28.17 -11.95 2.69
N ASN B 187 27.84 -12.57 1.57
CA ASN B 187 26.49 -13.03 1.32
C ASN B 187 26.29 -14.48 1.78
N GLU B 188 25.37 -14.68 2.73
CA GLU B 188 24.89 -15.99 3.15
C GLU B 188 26.04 -17.00 3.50
N PRO B 189 26.85 -16.68 4.51
CA PRO B 189 27.96 -17.58 4.90
C PRO B 189 27.49 -18.97 5.24
N TRP B 190 26.27 -19.14 5.73
CA TRP B 190 25.79 -20.49 6.00
C TRP B 190 25.82 -21.37 4.75
N VAL B 191 25.39 -20.77 3.63
CA VAL B 191 25.31 -21.48 2.38
C VAL B 191 26.76 -21.76 1.93
N VAL B 192 27.63 -20.76 2.00
CA VAL B 192 29.03 -20.92 1.60
C VAL B 192 29.58 -22.15 2.31
N ALA B 193 29.38 -22.21 3.64
CA ALA B 193 29.99 -23.24 4.44
C ALA B 193 29.30 -24.57 4.27
N ILE B 194 27.99 -24.58 4.48
CA ILE B 194 27.29 -25.86 4.57
C ILE B 194 26.93 -26.46 3.19
N VAL B 195 26.43 -25.65 2.28
CA VAL B 195 26.01 -26.15 0.97
C VAL B 195 27.28 -26.39 0.13
N GLY B 196 28.31 -25.58 0.35
CA GLY B 196 29.56 -25.73 -0.38
C GLY B 196 30.46 -26.84 0.14
N HIS B 197 30.40 -27.09 1.45
CA HIS B 197 31.39 -27.99 2.09
C HIS B 197 30.80 -29.18 2.87
N LEU B 198 29.51 -29.18 3.12
CA LEU B 198 28.87 -30.34 3.71
C LEU B 198 27.98 -31.06 2.69
N TYR B 199 27.13 -30.31 2.01
CA TYR B 199 26.20 -30.92 1.04
C TYR B 199 26.86 -31.18 -0.32
N GLY B 200 27.93 -30.46 -0.63
CA GLY B 200 28.63 -30.59 -1.91
C GLY B 200 27.81 -30.12 -3.12
N VAL B 201 26.78 -29.31 -2.89
CA VAL B 201 25.86 -28.90 -3.97
C VAL B 201 26.36 -27.62 -4.61
N HIS B 202 27.16 -26.85 -3.88
CA HIS B 202 27.70 -25.62 -4.45
C HIS B 202 29.23 -25.76 -4.42
N ALA B 203 29.93 -24.90 -5.18
CA ALA B 203 31.40 -24.91 -5.13
C ALA B 203 31.91 -24.61 -3.68
N PRO B 204 33.01 -25.25 -3.25
CA PRO B 204 33.80 -26.19 -4.07
C PRO B 204 33.31 -27.64 -4.17
N GLY B 205 32.13 -27.95 -3.67
CA GLY B 205 31.55 -29.28 -3.85
C GLY B 205 32.14 -30.37 -2.97
N MET B 206 32.41 -30.03 -1.71
CA MET B 206 32.94 -30.95 -0.72
C MET B 206 31.82 -31.48 0.19
N ARG B 207 32.07 -32.65 0.78
CA ARG B 207 31.16 -33.20 1.74
C ARG B 207 31.93 -33.67 2.96
N ASP B 208 32.22 -32.73 3.85
CA ASP B 208 33.01 -33.03 5.02
C ASP B 208 32.56 -32.11 6.15
N ILE B 209 31.99 -32.68 7.20
CA ILE B 209 31.36 -31.85 8.23
C ILE B 209 32.37 -31.09 9.06
N TYR B 210 33.59 -31.63 9.16
CA TYR B 210 34.68 -30.94 9.86
C TYR B 210 35.16 -29.74 9.06
N VAL B 211 35.37 -29.91 7.78
CA VAL B 211 35.69 -28.77 6.93
C VAL B 211 34.56 -27.69 7.01
N ALA B 212 33.29 -28.11 6.91
CA ALA B 212 32.15 -27.21 6.91
C ALA B 212 32.14 -26.29 8.13
N PHE B 213 32.42 -26.83 9.31
CA PHE B 213 32.39 -25.98 10.49
C PHE B 213 33.64 -25.12 10.63
N ARG B 214 34.75 -25.59 10.10
CA ARG B 214 35.91 -24.75 9.99
C ARG B 214 35.66 -23.59 9.02
N ALA B 215 34.94 -23.86 7.92
CA ALA B 215 34.50 -22.78 7.04
C ALA B 215 33.57 -21.75 7.75
N VAL B 216 32.60 -22.22 8.51
CA VAL B 216 31.71 -21.33 9.30
C VAL B 216 32.61 -20.37 10.11
N HIS B 217 33.56 -20.96 10.83
CA HIS B 217 34.40 -20.22 11.73
C HIS B 217 35.37 -19.25 11.03
N ASN B 218 36.03 -19.73 9.99
CA ASN B 218 36.86 -18.85 9.18
C ASN B 218 36.08 -17.73 8.43
N LEU B 219 34.83 -17.99 8.08
CA LEU B 219 34.00 -16.96 7.46
C LEU B 219 33.81 -15.80 8.42
N LEU B 220 33.53 -16.10 9.68
CA LEU B 220 33.35 -15.11 10.72
C LEU B 220 34.64 -14.32 10.99
N ARG B 221 35.77 -15.02 10.99
CA ARG B 221 37.08 -14.39 11.26
C ARG B 221 37.46 -13.46 10.11
N ALA B 222 37.20 -13.91 8.88
CA ALA B 222 37.49 -13.08 7.72
C ALA B 222 36.58 -11.84 7.69
N HIS B 223 35.31 -12.04 7.99
CA HIS B 223 34.34 -10.94 8.08
C HIS B 223 34.85 -9.89 9.05
N ALA B 224 35.31 -10.33 10.22
CA ALA B 224 35.74 -9.43 11.28
C ALA B 224 37.00 -8.68 10.88
N ARG B 225 37.91 -9.36 10.18
CA ARG B 225 39.12 -8.70 9.71
C ARG B 225 38.81 -7.65 8.67
N ALA B 226 37.84 -7.93 7.81
CA ALA B 226 37.39 -7.00 6.81
C ALA B 226 36.79 -5.74 7.46
N VAL B 227 35.94 -5.91 8.48
CA VAL B 227 35.31 -4.79 9.17
C VAL B 227 36.38 -3.94 9.85
N LYS B 228 37.29 -4.58 10.57
CA LYS B 228 38.46 -3.92 11.15
C LYS B 228 39.21 -3.02 10.16
N VAL B 229 39.56 -3.54 8.97
CA VAL B 229 40.28 -2.73 7.99
C VAL B 229 39.37 -1.64 7.38
N PHE B 230 38.06 -1.92 7.38
CA PHE B 230 37.08 -0.94 6.92
C PHE B 230 37.17 0.30 7.82
N ARG B 231 37.22 0.13 9.15
CA ARG B 231 37.27 1.28 10.04
C ARG B 231 38.49 2.14 9.80
N GLU B 232 39.57 1.57 9.25
CA GLU B 232 40.76 2.38 9.00
C GLU B 232 40.83 3.05 7.61
N THR B 233 39.98 2.62 6.67
CA THR B 233 40.08 3.06 5.29
C THR B 233 38.83 3.80 4.74
N VAL B 234 37.65 3.57 5.31
CA VAL B 234 36.45 4.27 4.84
C VAL B 234 35.87 5.12 5.99
N ASP B 236 33.67 7.53 6.55
CA ASP B 236 32.24 7.78 6.73
C ASP B 236 31.36 6.65 6.18
N GLY B 237 31.85 5.41 6.24
CA GLY B 237 31.13 4.28 5.66
C GLY B 237 30.28 3.45 6.61
N LYS B 238 29.41 2.62 6.03
CA LYS B 238 28.64 1.64 6.78
C LYS B 238 28.89 0.22 6.25
N ILE B 239 29.10 -0.73 7.17
CA ILE B 239 29.37 -2.12 6.78
C ILE B 239 28.50 -3.14 7.54
N GLY B 240 28.01 -4.13 6.81
CA GLY B 240 27.23 -5.19 7.42
C GLY B 240 27.52 -6.56 6.83
N ILE B 241 26.57 -7.47 6.97
CA ILE B 241 26.75 -8.85 6.56
C ILE B 241 25.37 -9.43 6.39
N VAL B 242 25.25 -10.41 5.48
CA VAL B 242 23.98 -10.85 4.96
C VAL B 242 23.75 -12.35 5.21
N PHE B 243 22.60 -12.66 5.79
CA PHE B 243 22.26 -14.01 6.16
C PHE B 243 21.00 -14.46 5.44
N ASN B 244 20.97 -15.74 5.08
CA ASN B 244 19.78 -16.40 4.62
C ASN B 244 18.95 -16.80 5.81
N ASN B 245 17.63 -16.79 5.65
CA ASN B 245 16.73 -17.17 6.73
C ASN B 245 15.49 -17.81 6.15
N GLY B 246 14.98 -18.82 6.86
CA GLY B 246 13.72 -19.43 6.56
C GLY B 246 12.84 -19.32 7.80
N TYR B 247 11.52 -19.35 7.61
CA TYR B 247 10.61 -19.31 8.74
C TYR B 247 10.25 -20.75 9.03
N PHE B 248 10.78 -21.27 10.13
CA PHE B 248 10.53 -22.64 10.56
C PHE B 248 9.36 -22.73 11.57
N GLU B 249 8.38 -23.60 11.26
CA GLU B 249 7.24 -23.89 12.14
C GLU B 249 7.18 -25.38 12.46
N PRO B 250 6.74 -25.73 13.65
CA PRO B 250 6.74 -27.14 14.06
C PRO B 250 5.57 -27.92 13.44
N ALA B 251 5.81 -29.20 13.14
CA ALA B 251 4.76 -30.05 12.54
C ALA B 251 3.64 -30.33 13.53
N SER B 252 4.02 -30.70 14.75
CA SER B 252 3.05 -30.86 15.84
C SER B 252 3.32 -29.84 16.94
N GLU B 253 2.41 -29.76 17.91
CA GLU B 253 2.61 -28.96 19.11
C GLU B 253 3.41 -29.72 20.17
N LYS B 254 3.94 -30.90 19.81
CA LYS B 254 4.80 -31.69 20.70
C LYS B 254 6.12 -30.99 21.08
N GLU B 255 6.73 -31.43 22.19
CA GLU B 255 7.95 -30.80 22.73
C GLU B 255 9.10 -30.82 21.71
N GLU B 256 9.45 -32.03 21.28
CA GLU B 256 10.57 -32.29 20.39
C GLU B 256 10.52 -31.52 19.07
N ASP B 257 9.31 -31.34 18.53
CA ASP B 257 9.12 -30.61 17.28
C ASP B 257 9.45 -29.13 17.43
N ILE B 258 9.04 -28.55 18.56
CA ILE B 258 9.27 -27.14 18.83
C ILE B 258 10.76 -26.91 19.05
N ARG B 259 11.43 -27.91 19.60
CA ARG B 259 12.88 -27.89 19.75
C ARG B 259 13.60 -28.10 18.42
N ALA B 260 13.02 -28.91 17.52
CA ALA B 260 13.55 -29.07 16.18
C ALA B 260 13.56 -27.71 15.49
N VAL B 261 12.48 -26.96 15.67
CA VAL B 261 12.39 -25.60 15.14
C VAL B 261 13.47 -24.70 15.72
N ARG B 262 13.72 -24.84 17.02
CA ARG B 262 14.70 -24.01 17.70
C ARG B 262 16.12 -24.31 17.15
N PHE B 263 16.42 -25.58 16.89
CA PHE B 263 17.71 -25.94 16.31
C PHE B 263 17.85 -25.30 14.92
N MET B 264 16.81 -25.44 14.09
CA MET B 264 16.86 -24.94 12.72
C MET B 264 17.08 -23.46 12.62
N HIS B 265 16.45 -22.72 13.52
CA HIS B 265 16.60 -21.26 13.55
C HIS B 265 18.04 -20.91 13.96
N GLN B 266 18.54 -21.54 15.01
CA GLN B 266 19.89 -21.28 15.48
C GLN B 266 20.96 -21.65 14.43
N PHE B 267 20.73 -22.73 13.68
CA PHE B 267 21.73 -23.24 12.73
C PHE B 267 21.62 -22.62 11.33
N ASN B 268 20.43 -22.61 10.75
CA ASN B 268 20.20 -22.03 9.43
C ASN B 268 20.05 -20.54 9.37
N ASN B 269 19.55 -19.93 10.44
CA ASN B 269 19.27 -18.50 10.36
C ASN B 269 20.41 -17.65 10.95
N TYR B 270 20.23 -16.34 10.99
CA TYR B 270 21.23 -15.40 11.52
C TYR B 270 21.93 -15.74 12.88
N PRO B 271 21.31 -16.44 13.84
CA PRO B 271 22.00 -16.67 15.12
C PRO B 271 23.35 -17.40 14.98
N LEU B 272 23.51 -18.31 14.01
CA LEU B 272 24.79 -18.98 13.82
C LEU B 272 25.95 -17.99 13.78
N PHE B 273 25.70 -16.81 13.23
CA PHE B 273 26.72 -15.79 13.06
C PHE B 273 26.58 -14.61 14.01
N LEU B 274 25.33 -14.24 14.32
CA LEU B 274 25.00 -13.12 15.21
C LEU B 274 25.26 -13.42 16.67
N ASN B 275 25.04 -14.67 17.07
CA ASN B 275 25.48 -15.07 18.39
C ASN B 275 26.97 -14.87 18.62
N PRO B 276 27.85 -15.38 17.75
CA PRO B 276 29.27 -14.98 17.83
C PRO B 276 29.52 -13.47 17.78
N ILE B 277 28.96 -12.77 16.80
CA ILE B 277 29.26 -11.34 16.64
C ILE B 277 28.80 -10.46 17.83
N TYR B 278 27.61 -10.75 18.37
CA TYR B 278 27.08 -9.99 19.49
C TYR B 278 27.36 -10.56 20.89
N ARG B 279 27.45 -11.89 21.02
CA ARG B 279 27.60 -12.49 22.34
C ARG B 279 28.89 -13.26 22.56
N GLY B 280 29.68 -13.45 21.49
CA GLY B 280 30.97 -14.08 21.61
C GLY B 280 30.94 -15.60 21.78
N ASP B 281 29.88 -16.26 21.33
CA ASP B 281 29.92 -17.73 21.19
C ASP B 281 28.88 -18.20 20.18
N TYR B 282 29.00 -19.45 19.69
CA TYR B 282 27.96 -20.01 18.83
C TYR B 282 26.71 -20.28 19.66
N PRO B 283 25.52 -20.36 19.05
CA PRO B 283 24.31 -20.63 19.84
C PRO B 283 24.34 -22.02 20.48
N GLU B 284 23.62 -22.11 21.61
CA GLU B 284 23.66 -23.29 22.46
C GLU B 284 23.35 -24.62 21.77
N LEU B 285 22.34 -24.68 20.91
CA LEU B 285 22.00 -25.96 20.27
C LEU B 285 22.97 -26.29 19.13
N VAL B 286 23.52 -25.27 18.50
CA VAL B 286 24.57 -25.49 17.49
C VAL B 286 25.80 -26.11 18.18
N LEU B 287 26.12 -25.64 19.37
CA LEU B 287 27.22 -26.22 20.14
C LEU B 287 26.94 -27.66 20.54
N GLU B 288 25.71 -27.96 20.97
CA GLU B 288 25.31 -29.32 21.27
C GLU B 288 25.47 -30.21 20.05
N PHE B 289 25.09 -29.72 18.89
CA PHE B 289 25.24 -30.49 17.64
C PHE B 289 26.68 -30.63 17.13
N ALA B 290 27.43 -29.53 17.18
CA ALA B 290 28.61 -29.41 16.32
C ALA B 290 29.93 -29.10 17.00
N ARG B 291 29.94 -29.15 18.33
CA ARG B 291 31.17 -28.83 19.06
C ARG B 291 32.37 -29.71 18.63
N GLU B 292 32.15 -31.00 18.35
CA GLU B 292 33.26 -31.88 17.93
C GLU B 292 33.80 -31.50 16.54
N TYR B 293 33.03 -30.72 15.77
CA TYR B 293 33.40 -30.32 14.40
C TYR B 293 34.10 -28.98 14.32
N LEU B 294 33.96 -28.17 15.37
CA LEU B 294 34.61 -26.87 15.44
C LEU B 294 36.09 -27.00 15.77
N PRO B 295 36.91 -26.06 15.33
CA PRO B 295 38.34 -26.10 15.67
C PRO B 295 38.55 -26.06 17.20
N GLU B 296 39.52 -26.81 17.72
CA GLU B 296 39.69 -26.86 19.19
C GLU B 296 40.19 -25.45 19.51
N ASN B 297 39.84 -24.80 20.57
CA ASN B 297 40.30 -23.42 20.75
C ASN B 297 39.60 -22.38 19.85
N TYR B 298 38.46 -22.73 19.25
CA TYR B 298 37.73 -21.75 18.43
C TYR B 298 37.40 -20.49 19.25
N LYS B 299 37.18 -20.68 20.57
CA LYS B 299 36.79 -19.55 21.40
C LYS B 299 37.85 -18.45 21.56
N ASP B 300 39.13 -18.73 21.33
CA ASP B 300 40.18 -17.71 21.30
C ASP B 300 39.93 -16.69 20.21
N ASP B 301 39.17 -17.05 19.18
CA ASP B 301 38.93 -16.09 18.08
C ASP B 301 37.72 -15.18 18.33
N MET B 302 36.97 -15.49 19.37
CA MET B 302 35.66 -14.87 19.53
C MET B 302 35.71 -13.37 19.85
N SER B 303 36.71 -12.95 20.62
CA SER B 303 36.79 -11.52 20.94
C SER B 303 37.13 -10.67 19.73
N GLU B 304 37.86 -11.23 18.78
CA GLU B 304 38.12 -10.54 17.52
C GLU B 304 36.90 -10.55 16.57
N ILE B 305 36.10 -11.63 16.65
CA ILE B 305 34.90 -11.77 15.84
C ILE B 305 33.79 -10.78 16.24
N GLN B 306 33.80 -10.31 17.49
CA GLN B 306 32.82 -9.32 17.98
C GLN B 306 33.00 -7.88 17.51
N GLU B 307 33.94 -7.65 16.62
CA GLU B 307 34.09 -6.38 15.92
C GLU B 307 32.72 -5.76 15.51
N LYS B 308 32.48 -4.50 15.87
CA LYS B 308 31.15 -3.90 15.75
C LYS B 308 30.80 -3.67 14.29
N ILE B 309 29.56 -4.00 13.92
CA ILE B 309 29.06 -3.73 12.57
C ILE B 309 27.93 -2.70 12.59
N ASP B 310 27.55 -2.21 11.42
CA ASP B 310 26.56 -1.13 11.33
C ASP B 310 25.18 -1.59 10.96
N PHE B 311 25.09 -2.72 10.25
CA PHE B 311 23.78 -3.28 9.90
C PHE B 311 23.81 -4.76 9.70
N VAL B 312 22.63 -5.35 9.74
CA VAL B 312 22.43 -6.75 9.42
C VAL B 312 21.55 -6.79 8.20
N GLY B 313 21.99 -7.54 7.20
CA GLY B 313 21.16 -7.86 6.06
C GLY B 313 20.45 -9.18 6.27
N LEU B 314 19.14 -9.19 6.06
CA LEU B 314 18.43 -10.46 6.07
C LEU B 314 17.83 -10.71 4.69
N ASN B 315 18.11 -11.91 4.19
CA ASN B 315 17.49 -12.45 2.98
C ASN B 315 16.37 -13.35 3.44
N TYR B 316 15.27 -13.37 2.68
CA TYR B 316 14.13 -14.22 3.03
C TYR B 316 13.33 -14.66 1.78
N TYR B 317 12.94 -15.94 1.78
CA TYR B 317 12.22 -16.49 0.62
C TYR B 317 11.07 -17.40 1.03
N SER B 318 11.28 -18.26 2.01
CA SER B 318 10.32 -19.34 2.22
C SER B 318 10.26 -19.80 3.66
N GLY B 319 9.21 -20.56 3.97
CA GLY B 319 9.01 -21.17 5.27
C GLY B 319 8.99 -22.68 5.16
N HIS B 320 9.21 -23.38 6.26
CA HIS B 320 9.33 -24.83 6.22
C HIS B 320 8.69 -25.40 7.47
N LEU B 321 7.85 -26.42 7.28
CA LEU B 321 7.31 -27.19 8.39
C LEU B 321 8.33 -28.25 8.75
N VAL B 322 8.70 -28.33 10.03
CA VAL B 322 9.80 -29.18 10.48
C VAL B 322 9.32 -29.97 11.65
N LYS B 323 9.84 -31.17 11.78
CA LYS B 323 9.53 -32.05 12.90
C LYS B 323 10.82 -32.75 13.33
N PHE B 324 10.84 -33.22 14.58
CA PHE B 324 11.92 -34.02 15.09
C PHE B 324 11.90 -35.34 14.33
N ASP B 325 13.07 -35.88 14.03
CA ASP B 325 13.18 -37.17 13.36
C ASP B 325 14.51 -37.81 13.75
N PRO B 326 14.46 -38.94 14.46
CA PRO B 326 15.68 -39.58 14.99
C PRO B 326 16.56 -40.21 13.91
N ASP B 327 16.05 -40.30 12.68
CA ASP B 327 16.78 -40.94 11.59
C ASP B 327 17.57 -39.94 10.75
N ALA B 328 17.19 -38.67 10.86
CA ALA B 328 17.85 -37.58 10.12
C ALA B 328 19.16 -37.15 10.78
N ALA B 330 21.07 -34.44 11.76
CA ALA B 330 20.79 -33.31 12.63
C ALA B 330 19.47 -33.49 13.41
N LYS B 331 18.86 -34.67 13.27
CA LYS B 331 17.62 -35.01 13.96
C LYS B 331 16.43 -34.13 13.57
N VAL B 332 16.39 -33.72 12.31
CA VAL B 332 15.36 -32.84 11.80
C VAL B 332 15.02 -33.19 10.36
N SER B 333 13.73 -33.38 10.11
CA SER B 333 13.21 -33.60 8.76
C SER B 333 12.29 -32.45 8.39
N PHE B 334 12.20 -32.11 7.10
CA PHE B 334 11.18 -31.19 6.59
C PHE B 334 9.94 -31.99 6.26
N VAL B 335 8.76 -31.42 6.52
CA VAL B 335 7.52 -32.09 6.15
C VAL B 335 6.75 -31.18 5.20
N GLU B 336 6.41 -31.73 4.03
CA GLU B 336 5.77 -30.95 2.99
C GLU B 336 4.36 -30.53 3.38
N ARG B 337 3.97 -29.32 2.95
CA ARG B 337 2.65 -28.77 3.25
C ARG B 337 1.93 -28.47 1.96
N ASP B 338 0.60 -28.62 1.97
CA ASP B 338 -0.20 -28.19 0.82
C ASP B 338 -0.33 -26.66 0.82
N LEU B 339 0.69 -25.97 0.32
CA LEU B 339 0.69 -24.51 0.27
C LEU B 339 1.12 -24.06 -1.11
N PRO B 340 0.77 -22.84 -1.52
CA PRO B 340 1.28 -22.31 -2.78
C PRO B 340 2.82 -22.35 -2.79
N LYS B 341 3.41 -22.64 -3.94
CA LYS B 341 4.85 -22.91 -4.09
C LYS B 341 5.39 -22.12 -5.27
N THR B 342 6.67 -21.74 -5.23
CA THR B 342 7.29 -21.17 -6.43
C THR B 342 7.80 -22.28 -7.35
N ALA B 343 8.44 -21.92 -8.45
CA ALA B 343 9.12 -22.90 -9.31
C ALA B 343 10.30 -23.65 -8.63
N MET B 344 10.81 -23.12 -7.51
CA MET B 344 11.82 -23.81 -6.73
C MET B 344 11.18 -24.88 -5.84
N GLY B 345 9.85 -24.81 -5.72
CA GLY B 345 9.13 -25.69 -4.82
C GLY B 345 9.11 -25.11 -3.41
N TRP B 346 9.46 -23.84 -3.28
CA TRP B 346 9.54 -23.22 -1.95
C TRP B 346 8.15 -22.71 -1.55
N GLU B 347 7.73 -23.00 -0.32
CA GLU B 347 6.42 -22.59 0.16
C GLU B 347 6.38 -21.09 0.47
N ILE B 348 5.34 -20.45 -0.05
CA ILE B 348 5.15 -19.00 0.02
C ILE B 348 4.42 -18.69 1.33
N VAL B 349 5.19 -18.22 2.33
CA VAL B 349 4.67 -17.91 3.67
C VAL B 349 5.12 -16.51 4.01
N PRO B 350 4.40 -15.50 3.51
CA PRO B 350 4.86 -14.10 3.62
C PRO B 350 5.03 -13.61 5.05
N GLU B 351 4.34 -14.21 6.02
CA GLU B 351 4.46 -13.80 7.42
C GLU B 351 5.84 -14.11 8.02
N GLY B 352 6.60 -14.98 7.34
CA GLY B 352 7.96 -15.29 7.74
C GLY B 352 8.89 -14.10 7.70
N ILE B 353 8.74 -13.21 6.72
CA ILE B 353 9.57 -12.01 6.70
C ILE B 353 9.33 -11.10 7.88
N TYR B 354 8.09 -11.07 8.35
CA TYR B 354 7.70 -10.32 9.54
C TYR B 354 8.32 -10.98 10.79
N TRP B 355 8.12 -12.29 10.91
CA TRP B 355 8.63 -13.05 12.06
C TRP B 355 10.13 -12.86 12.23
N ILE B 356 10.88 -12.95 11.13
CA ILE B 356 12.32 -12.91 11.22
C ILE B 356 12.82 -11.50 11.58
N LEU B 357 12.03 -10.50 11.17
CA LEU B 357 12.40 -9.11 11.45
C LEU B 357 12.17 -8.82 12.92
N LYS B 358 11.00 -9.18 13.43
CA LYS B 358 10.73 -9.13 14.87
C LYS B 358 11.85 -9.85 15.62
N LYS B 359 12.08 -11.11 15.23
CA LYS B 359 13.04 -11.99 15.91
C LYS B 359 14.44 -11.40 16.03
N VAL B 360 14.96 -10.81 14.96
CA VAL B 360 16.32 -10.27 15.00
C VAL B 360 16.45 -9.07 15.97
N LYS B 361 15.39 -8.27 16.09
CA LYS B 361 15.40 -7.14 17.01
C LYS B 361 15.36 -7.70 18.42
N GLU B 362 14.46 -8.64 18.63
CA GLU B 362 14.30 -9.33 19.90
C GLU B 362 15.58 -9.99 20.43
N GLU B 363 16.34 -10.67 19.56
CA GLU B 363 17.51 -11.40 20.04
C GLU B 363 18.79 -10.57 20.11
N TYR B 364 19.02 -9.71 19.12
CA TYR B 364 20.33 -9.06 18.98
C TYR B 364 20.22 -7.54 18.85
N ASN B 365 19.01 -7.06 18.56
CA ASN B 365 18.76 -5.62 18.51
C ASN B 365 19.80 -4.82 17.72
N PRO B 366 20.06 -5.16 16.46
CA PRO B 366 21.03 -4.41 15.66
C PRO B 366 20.47 -3.01 15.40
N PRO B 367 21.32 -2.01 15.13
CA PRO B 367 20.86 -0.63 15.04
C PRO B 367 20.11 -0.38 13.74
N GLU B 368 20.53 -1.06 12.66
CA GLU B 368 19.82 -1.06 11.39
C GLU B 368 19.67 -2.49 10.86
N VAL B 369 18.59 -2.72 10.12
CA VAL B 369 18.33 -3.97 9.40
C VAL B 369 17.90 -3.64 7.99
N TYR B 370 18.34 -4.46 7.01
CA TYR B 370 17.84 -4.34 5.62
C TYR B 370 17.36 -5.69 5.18
N ILE B 371 16.26 -5.74 4.43
CA ILE B 371 15.96 -6.94 3.63
C ILE B 371 16.88 -6.81 2.42
N THR B 372 17.89 -7.68 2.35
CA THR B 372 18.92 -7.58 1.31
C THR B 372 18.55 -8.42 0.07
N GLU B 373 17.57 -9.30 0.24
CA GLU B 373 17.04 -10.10 -0.84
C GLU B 373 15.67 -10.62 -0.49
N ASN B 374 14.71 -10.48 -1.41
CA ASN B 374 13.41 -11.16 -1.28
C ASN B 374 12.85 -11.30 -2.70
N GLY B 375 12.32 -12.46 -3.02
CA GLY B 375 11.96 -12.70 -4.40
C GLY B 375 11.36 -14.06 -4.67
N ALA B 376 11.03 -14.30 -5.94
CA ALA B 376 10.43 -15.57 -6.31
C ALA B 376 10.78 -15.97 -7.72
N ALA B 377 10.84 -17.29 -7.92
CA ALA B 377 11.03 -17.89 -9.24
C ALA B 377 9.70 -18.44 -9.74
N PHE B 378 9.32 -18.01 -10.93
CA PHE B 378 8.13 -18.54 -11.57
C PHE B 378 8.44 -18.87 -13.02
N ASP B 379 7.66 -19.76 -13.64
CA ASP B 379 7.89 -20.03 -15.06
C ASP B 379 7.31 -18.88 -15.87
N ASP B 380 8.16 -17.89 -16.15
CA ASP B 380 7.77 -16.72 -16.90
C ASP B 380 7.78 -17.02 -18.40
N VAL B 381 6.73 -16.55 -19.06
CA VAL B 381 6.56 -16.72 -20.50
C VAL B 381 6.31 -15.35 -21.10
N VAL B 382 6.99 -15.05 -22.20
CA VAL B 382 6.73 -13.86 -23.03
C VAL B 382 5.41 -14.10 -23.79
N SER B 383 4.40 -13.26 -23.52
CA SER B 383 3.07 -13.36 -24.16
C SER B 383 3.11 -12.97 -25.63
N GLU B 384 2.02 -13.28 -26.33
CA GLU B 384 1.81 -12.84 -27.73
C GLU B 384 1.91 -11.33 -27.79
N ASP B 385 1.37 -10.66 -26.76
CA ASP B 385 1.42 -9.20 -26.65
C ASP B 385 2.81 -8.58 -26.36
N GLY B 386 3.82 -9.41 -26.13
CA GLY B 386 5.19 -8.94 -25.93
C GLY B 386 5.61 -8.68 -24.49
N ARG B 387 4.72 -8.98 -23.55
CA ARG B 387 4.98 -8.66 -22.15
C ARG B 387 4.99 -9.92 -21.27
N VAL B 388 5.46 -9.77 -20.02
CA VAL B 388 5.47 -10.89 -19.10
C VAL B 388 4.52 -10.60 -17.93
N HIS B 389 3.38 -11.28 -17.94
CA HIS B 389 2.32 -11.04 -16.95
C HIS B 389 2.53 -11.92 -15.72
N ASP B 390 3.50 -11.54 -14.90
CA ASP B 390 3.84 -12.34 -13.74
C ASP B 390 3.11 -11.82 -12.51
N GLN B 391 1.78 -11.98 -12.57
CA GLN B 391 0.89 -11.68 -11.46
C GLN B 391 1.29 -12.49 -10.23
N ASN B 392 1.82 -13.68 -10.47
CA ASN B 392 2.25 -14.59 -9.40
C ASN B 392 3.36 -13.95 -8.53
N ARG B 393 4.29 -13.24 -9.19
CA ARG B 393 5.38 -12.51 -8.55
C ARG B 393 4.96 -11.17 -7.94
N ILE B 394 4.12 -10.42 -8.64
CA ILE B 394 3.55 -9.21 -8.05
C ILE B 394 2.88 -9.60 -6.73
N ASP B 395 2.06 -10.65 -6.78
CA ASP B 395 1.35 -11.11 -5.59
C ASP B 395 2.35 -11.48 -4.47
N TYR B 396 3.48 -12.07 -4.87
CA TYR B 396 4.53 -12.45 -3.94
C TYR B 396 5.14 -11.22 -3.28
N LEU B 397 5.64 -10.30 -4.09
CA LEU B 397 6.36 -9.20 -3.53
C LEU B 397 5.43 -8.40 -2.62
N LYS B 398 4.22 -8.17 -3.11
CA LYS B 398 3.21 -7.33 -2.44
C LYS B 398 2.93 -7.84 -1.04
N ALA B 399 2.69 -9.14 -0.93
CA ALA B 399 2.46 -9.77 0.38
C ALA B 399 3.64 -9.63 1.35
N HIS B 400 4.86 -9.77 0.83
CA HIS B 400 6.06 -9.68 1.67
C HIS B 400 6.39 -8.26 2.06
N ILE B 401 6.35 -7.36 1.08
CA ILE B 401 6.51 -5.92 1.33
C ILE B 401 5.52 -5.40 2.38
N GLY B 402 4.31 -5.95 2.38
CA GLY B 402 3.30 -5.66 3.39
C GLY B 402 3.68 -6.13 4.78
N GLN B 403 4.26 -7.33 4.88
CA GLN B 403 4.72 -7.85 6.16
C GLN B 403 5.96 -7.09 6.64
N ALA B 404 6.83 -6.69 5.72
CA ALA B 404 7.94 -5.80 6.05
C ALA B 404 7.48 -4.43 6.62
N TRP B 405 6.46 -3.85 5.97
CA TRP B 405 5.82 -2.60 6.45
C TRP B 405 5.38 -2.80 7.86
N LYS B 406 4.74 -3.94 8.11
CA LYS B 406 4.21 -4.28 9.41
C LYS B 406 5.26 -4.34 10.51
N ALA B 407 6.42 -4.91 10.19
CA ALA B 407 7.52 -4.96 11.15
C ALA B 407 8.03 -3.55 11.48
N ILE B 408 8.07 -2.66 10.50
CA ILE B 408 8.45 -1.28 10.75
C ILE B 408 7.48 -0.58 11.71
N GLN B 409 6.18 -0.83 11.51
CA GLN B 409 5.13 -0.25 12.35
C GLN B 409 5.33 -0.67 13.79
N GLU B 410 5.86 -1.88 14.01
CA GLU B 410 6.11 -2.34 15.38
C GLU B 410 7.54 -2.09 15.89
N GLY B 411 8.25 -1.15 15.26
CA GLY B 411 9.53 -0.68 15.79
C GLY B 411 10.84 -1.30 15.30
N VAL B 412 10.79 -2.22 14.32
CA VAL B 412 12.01 -2.81 13.75
C VAL B 412 12.68 -1.79 12.86
N PRO B 413 13.95 -1.47 13.12
CA PRO B 413 14.66 -0.40 12.40
C PRO B 413 15.07 -0.81 10.98
N LEU B 414 14.09 -1.23 10.18
CA LEU B 414 14.28 -1.61 8.79
C LEU B 414 14.45 -0.40 7.89
N LYS B 415 15.61 -0.34 7.23
CA LYS B 415 16.04 0.84 6.48
C LYS B 415 15.96 0.68 4.96
N GLY B 416 15.64 -0.52 4.48
CA GLY B 416 15.62 -0.76 3.05
C GLY B 416 15.14 -2.14 2.67
N TYR B 417 14.89 -2.33 1.37
CA TYR B 417 14.35 -3.58 0.91
C TYR B 417 14.85 -3.73 -0.52
N PHE B 418 15.39 -4.92 -0.85
CA PHE B 418 15.91 -5.17 -2.21
C PHE B 418 15.28 -6.43 -2.73
N VAL B 419 14.80 -6.34 -3.97
CA VAL B 419 14.27 -7.47 -4.71
C VAL B 419 15.42 -8.24 -5.32
N TRP B 420 15.37 -9.56 -5.15
CA TRP B 420 16.19 -10.47 -5.92
C TRP B 420 15.24 -11.00 -6.99
N SER B 421 15.49 -10.74 -8.28
CA SER B 421 16.66 -9.99 -8.73
C SER B 421 16.27 -8.94 -9.82
N LEU B 422 17.14 -7.98 -10.08
CA LEU B 422 16.97 -7.17 -11.28
C LEU B 422 16.69 -8.06 -12.51
N LEU B 423 17.56 -9.06 -12.76
CA LEU B 423 17.52 -9.90 -13.98
C LEU B 423 17.30 -11.37 -13.69
N ASP B 424 16.65 -12.07 -14.63
CA ASP B 424 16.71 -13.53 -14.65
C ASP B 424 18.18 -13.83 -14.78
N ASN B 425 18.68 -14.89 -14.14
CA ASN B 425 20.12 -15.10 -14.20
C ASN B 425 20.52 -16.56 -13.92
N PHE B 426 21.81 -16.81 -13.77
CA PHE B 426 22.34 -18.18 -13.53
C PHE B 426 22.05 -18.57 -12.08
N GLU B 427 21.09 -19.47 -11.88
CA GLU B 427 20.66 -19.83 -10.52
C GLU B 427 21.48 -21.02 -9.98
N TRP B 428 22.78 -20.82 -9.93
CA TRP B 428 23.71 -21.79 -9.34
C TRP B 428 23.53 -23.22 -9.86
N ALA B 429 23.36 -24.20 -8.99
CA ALA B 429 23.23 -25.57 -9.44
C ALA B 429 21.98 -25.78 -10.31
N GLU B 430 21.07 -24.80 -10.32
CA GLU B 430 19.85 -24.90 -11.15
C GLU B 430 20.10 -24.33 -12.53
N GLY B 431 21.20 -23.60 -12.70
CA GLY B 431 21.50 -22.93 -13.95
C GLY B 431 20.44 -21.91 -14.38
N TYR B 432 20.18 -21.83 -15.69
CA TYR B 432 19.25 -20.83 -16.25
C TYR B 432 17.78 -21.21 -16.14
N SER B 433 17.51 -22.36 -15.54
CA SER B 433 16.16 -22.90 -15.50
C SER B 433 15.22 -22.19 -14.55
N LYS B 434 15.80 -21.41 -13.65
CA LYS B 434 15.02 -20.74 -12.61
C LYS B 434 15.10 -19.25 -12.80
N ARG B 435 13.94 -18.60 -12.95
CA ARG B 435 13.88 -17.17 -13.31
C ARG B 435 13.41 -16.29 -12.14
N PHE B 436 14.28 -15.44 -11.61
CA PHE B 436 13.94 -14.66 -10.41
C PHE B 436 13.76 -13.19 -10.73
N GLY B 437 14.09 -12.78 -11.94
CA GLY B 437 14.13 -11.36 -12.29
C GLY B 437 12.77 -10.63 -12.24
N ILE B 438 12.80 -9.30 -12.08
CA ILE B 438 11.66 -8.42 -12.41
C ILE B 438 11.84 -7.93 -13.85
N VAL B 439 13.00 -8.26 -14.42
CA VAL B 439 13.32 -8.09 -15.85
C VAL B 439 13.62 -9.48 -16.46
N TYR B 440 12.90 -9.82 -17.55
CA TYR B 440 13.08 -11.08 -18.24
C TYR B 440 14.34 -11.01 -19.07
N VAL B 441 15.01 -12.13 -19.25
CA VAL B 441 16.16 -12.15 -20.14
C VAL B 441 15.95 -13.29 -21.13
N ASP B 442 15.95 -12.93 -22.40
CA ASP B 442 15.87 -13.87 -23.48
C ASP B 442 17.30 -14.23 -23.76
N TYR B 443 17.71 -15.43 -23.35
CA TYR B 443 19.12 -15.81 -23.46
C TYR B 443 19.62 -15.95 -24.92
N SER B 444 18.74 -16.32 -25.84
CA SER B 444 19.10 -16.36 -27.28
C SER B 444 19.57 -15.02 -27.85
N THR B 445 18.99 -13.92 -27.40
CA THR B 445 19.31 -12.59 -27.95
C THR B 445 19.93 -11.59 -26.96
N GLN B 446 19.82 -11.89 -25.65
CA GLN B 446 20.16 -11.00 -24.52
C GLN B 446 19.18 -9.83 -24.37
N LYS B 447 17.96 -10.04 -24.85
CA LYS B 447 16.94 -9.00 -24.83
C LYS B 447 16.39 -8.92 -23.41
N ARG B 448 16.26 -7.68 -22.92
CA ARG B 448 15.63 -7.43 -21.63
C ARG B 448 14.16 -7.09 -21.83
N ILE B 449 13.26 -7.83 -21.15
CA ILE B 449 11.83 -7.46 -21.09
C ILE B 449 11.37 -7.16 -19.65
N VAL B 450 11.16 -5.89 -19.33
CA VAL B 450 10.61 -5.50 -18.03
C VAL B 450 9.31 -6.26 -17.84
N LYS B 451 9.18 -6.95 -16.71
CA LYS B 451 7.99 -7.76 -16.49
C LYS B 451 6.98 -6.90 -15.79
N ASP B 452 5.75 -7.39 -15.70
CA ASP B 452 4.74 -6.61 -14.98
C ASP B 452 5.23 -6.28 -13.59
N SER B 453 5.83 -7.27 -12.92
CA SER B 453 6.36 -7.11 -11.56
C SER B 453 7.31 -5.95 -11.48
N GLY B 454 8.05 -5.73 -12.56
CA GLY B 454 8.98 -4.62 -12.62
C GLY B 454 8.32 -3.27 -12.77
N TYR B 455 7.19 -3.17 -13.48
CA TYR B 455 6.49 -1.87 -13.56
C TYR B 455 5.78 -1.66 -12.24
N TRP B 456 5.25 -2.74 -11.67
CA TRP B 456 4.55 -2.70 -10.39
C TRP B 456 5.46 -2.30 -9.23
N TYR B 457 6.70 -2.80 -9.25
CA TYR B 457 7.67 -2.41 -8.24
C TYR B 457 8.11 -0.99 -8.48
N SER B 458 8.21 -0.61 -9.75
CA SER B 458 8.57 0.76 -10.14
C SER B 458 7.58 1.79 -9.58
N ASN B 459 6.32 1.35 -9.46
CA ASN B 459 5.24 2.11 -8.87
C ASN B 459 5.41 2.27 -7.36
N VAL B 460 5.63 1.15 -6.64
CA VAL B 460 5.77 1.20 -5.18
C VAL B 460 6.98 2.02 -4.74
N VAL B 461 8.03 2.10 -5.54
CA VAL B 461 9.17 2.97 -5.22
C VAL B 461 8.77 4.44 -5.32
N LYS B 462 8.18 4.79 -6.46
CA LYS B 462 7.59 6.11 -6.71
C LYS B 462 6.71 6.56 -5.54
N ASN B 463 5.86 5.65 -5.03
CA ASN B 463 4.90 5.94 -3.95
C ASN B 463 5.47 5.76 -2.55
N ASN B 464 6.73 5.36 -2.46
CA ASN B 464 7.32 4.90 -1.18
C ASN B 464 6.45 3.90 -0.42
N GLY B 465 5.82 2.96 -1.12
CA GLY B 465 5.02 1.98 -0.41
C GLY B 465 3.88 1.39 -1.19
N LEU B 466 2.97 0.71 -0.50
CA LEU B 466 1.89 -0.02 -1.16
C LEU B 466 0.58 0.74 -1.34
N GLU B 467 -0.20 0.21 -2.30
CA GLU B 467 -1.66 0.23 -2.40
C GLU B 467 -2.41 1.15 -3.31
O4 IFM C . -17.51 9.71 -3.69
C4 IFM C . -17.73 9.92 -2.29
C3 IFM C . -18.82 11.03 -2.16
O3 IFM C . -18.55 12.25 -2.85
C2 IFM C . -19.22 11.33 -0.70
N IFM C . -19.46 10.10 0.08
C1 IFM C . -18.43 9.05 -0.05
C5 IFM C . -18.21 8.65 -1.53
C6 IFM C . -17.22 7.47 -1.55
O6 IFM C . -16.11 7.81 -0.71
O4 IFM D . 20.29 -16.37 -6.45
C4 IFM D . 20.42 -16.70 -5.06
C3 IFM D . 21.41 -15.69 -4.49
O3 IFM D . 22.64 -15.61 -5.19
C2 IFM D . 21.64 -15.77 -2.98
N IFM D . 20.35 -15.80 -2.28
C1 IFM D . 19.38 -16.80 -2.78
C5 IFM D . 19.11 -16.61 -4.28
C6 IFM D . 18.00 -17.56 -4.73
O6 IFM D . 18.45 -18.91 -4.64
#